data_1PQ6
#
_entry.id   1PQ6
#
_cell.length_a   58.717
_cell.length_b   98.929
_cell.length_c   175.815
_cell.angle_alpha   90.00
_cell.angle_beta   90.00
_cell.angle_gamma   90.00
#
_symmetry.space_group_name_H-M   'P 21 21 21'
#
loop_
_entity.id
_entity.type
_entity.pdbx_description
1 polymer 'Oxysterols receptor LXR-beta'
2 non-polymer '[3-(3-{[2-chloro-3-(trifluoromethyl)benzyl](2,2-diphenylethyl)amino}propoxy)phenyl]acetic acid'
3 non-polymer 'ISOPROPYL ALCOHOL'
4 water water
#
_entity_poly.entity_id   1
_entity_poly.type   'polypeptide(L)'
_entity_poly.pdbx_seq_one_letter_code
;GSHMGEGEGVQLTAAQELMIQQLVAAQLQCNKRSFSDQPKVTPWPLGADPQSRDARQQRFAHFTELAIISVQEIVDFAKQ
VPGFLQLGREDQIALLKASTIEIMLLETARRYNHETECITFLKDFTYSKDDFHRAGLQVEFINPIFEFSRAMRRLGLDDA
EYALLIAINIFSADRPNVQEPGRVEALQQPYVEALLSYTRIKRPQDQLRFPRMLMKLVSLRTLSSVHSEQVFALRLQDKK
LPPLLSEIWDVHE
;
_entity_poly.pdbx_strand_id   A,B,C,D
#
# COMPACT_ATOMS: atom_id res chain seq x y z
N LEU A 12 -12.39 3.80 12.83
CA LEU A 12 -13.56 4.18 11.94
C LEU A 12 -13.04 4.62 10.57
N THR A 13 -13.51 3.96 9.51
CA THR A 13 -13.24 4.38 8.14
C THR A 13 -13.95 5.71 7.78
N ALA A 14 -13.47 6.38 6.75
CA ALA A 14 -14.07 7.61 6.24
C ALA A 14 -15.54 7.44 5.80
N ALA A 15 -15.87 6.29 5.22
CA ALA A 15 -17.27 6.03 4.82
C ALA A 15 -18.18 5.97 6.05
N GLN A 16 -17.71 5.32 7.11
CA GLN A 16 -18.47 5.23 8.35
C GLN A 16 -18.56 6.57 9.05
N GLU A 17 -17.49 7.36 9.10
CA GLU A 17 -17.58 8.69 9.67
C GLU A 17 -18.56 9.57 8.87
N LEU A 18 -18.47 9.49 7.54
CA LEU A 18 -19.44 10.17 6.66
C LEU A 18 -20.89 9.87 7.04
N MET A 19 -21.22 8.58 7.07
CA MET A 19 -22.55 8.13 7.36
C MET A 19 -23.04 8.55 8.77
N ILE A 20 -22.18 8.46 9.78
CA ILE A 20 -22.61 8.79 11.13
C ILE A 20 -22.90 10.28 11.20
N GLN A 21 -21.98 11.07 10.66
CA GLN A 21 -22.09 12.51 10.67
C GLN A 21 -23.32 12.99 9.94
N GLN A 22 -23.71 12.24 8.90
CA GLN A 22 -24.86 12.54 8.08
C GLN A 22 -26.14 12.43 8.92
N LEU A 23 -26.23 11.32 9.64
CA LEU A 23 -27.34 11.09 10.57
C LEU A 23 -27.39 12.14 11.68
N VAL A 24 -26.28 12.43 12.32
CA VAL A 24 -26.27 13.40 13.40
C VAL A 24 -26.73 14.78 12.90
N ALA A 25 -26.22 15.21 11.75
CA ALA A 25 -26.53 16.54 11.20
C ALA A 25 -27.95 16.60 10.66
N ALA A 26 -28.46 15.46 10.19
CA ALA A 26 -29.81 15.38 9.67
C ALA A 26 -30.75 15.53 10.84
N GLN A 27 -30.40 14.91 11.94
CA GLN A 27 -31.22 14.90 13.14
C GLN A 27 -31.34 16.30 13.72
N LEU A 28 -30.23 17.01 13.77
CA LEU A 28 -30.20 18.39 14.23
C LEU A 28 -30.91 19.40 13.29
N GLN A 29 -30.83 19.20 11.98
CA GLN A 29 -31.52 20.09 11.05
C GLN A 29 -33.03 19.83 11.05
N CYS A 30 -33.47 18.58 11.34
CA CYS A 30 -34.91 18.25 11.40
C CYS A 30 -35.54 18.86 12.64
N ASN A 31 -34.77 18.86 13.72
CA ASN A 31 -35.17 19.46 14.96
C ASN A 31 -35.22 20.99 14.87
N LYS A 32 -34.13 21.59 14.39
CA LYS A 32 -33.96 23.04 14.30
C LYS A 32 -35.08 23.71 13.51
N ARG A 33 -35.45 23.11 12.37
CA ARG A 33 -36.47 23.70 11.51
C ARG A 33 -37.91 23.59 12.08
N SER A 34 -38.22 22.51 12.77
CA SER A 34 -39.56 22.34 13.37
C SER A 34 -39.78 23.12 14.69
N PRO A 39 -44.65 24.17 15.20
CA PRO A 39 -45.51 25.28 14.76
C PRO A 39 -46.76 25.44 15.62
N LYS A 40 -47.55 26.48 15.31
CA LYS A 40 -48.85 26.80 15.95
C LYS A 40 -49.63 25.58 16.43
N VAL A 41 -50.18 25.64 17.65
CA VAL A 41 -50.84 24.49 18.27
C VAL A 41 -52.07 24.86 19.08
N THR A 42 -52.96 23.90 19.29
CA THR A 42 -54.13 24.11 20.13
C THR A 42 -53.63 24.42 21.53
N PRO A 43 -54.08 25.55 22.11
CA PRO A 43 -53.71 25.92 23.49
C PRO A 43 -54.03 24.86 24.56
N TRP A 44 -53.06 24.66 25.45
CA TRP A 44 -53.21 23.81 26.62
C TRP A 44 -54.06 24.56 27.65
N PRO A 45 -55.11 23.92 28.18
CA PRO A 45 -56.05 24.62 29.08
C PRO A 45 -55.52 24.83 30.50
N GLN A 51 -62.35 18.67 36.48
CA GLN A 51 -61.92 18.59 35.09
C GLN A 51 -63.06 18.13 34.17
N SER A 52 -63.52 19.03 33.30
CA SER A 52 -64.61 18.74 32.37
C SER A 52 -64.21 17.82 31.21
N ARG A 53 -65.19 17.46 30.38
CA ARG A 53 -64.99 16.60 29.19
C ARG A 53 -64.46 17.41 27.99
N ASP A 54 -64.91 18.66 27.86
CA ASP A 54 -64.33 19.60 26.88
C ASP A 54 -62.81 19.75 27.07
N ALA A 55 -62.38 19.76 28.33
CA ALA A 55 -60.98 19.97 28.69
C ALA A 55 -60.11 18.73 28.41
N ARG A 56 -60.65 17.55 28.66
CA ARG A 56 -59.99 16.28 28.29
C ARG A 56 -59.66 16.36 26.78
N GLN A 57 -60.70 16.47 25.96
CA GLN A 57 -60.58 16.58 24.50
C GLN A 57 -59.61 17.69 24.10
N GLN A 58 -59.55 18.75 24.88
CA GLN A 58 -58.59 19.82 24.67
C GLN A 58 -57.14 19.34 24.80
N ARG A 59 -56.81 18.81 25.96
CA ARG A 59 -55.46 18.39 26.25
C ARG A 59 -55.06 17.35 25.21
N PHE A 60 -55.97 16.44 24.92
CA PHE A 60 -55.77 15.38 23.96
C PHE A 60 -55.54 15.93 22.56
N ALA A 61 -56.31 16.92 22.15
CA ALA A 61 -56.11 17.55 20.86
C ALA A 61 -54.72 18.15 20.82
N HIS A 62 -54.29 18.69 21.95
CA HIS A 62 -53.02 19.38 22.05
C HIS A 62 -51.85 18.41 21.80
N PHE A 63 -51.89 17.24 22.44
CA PHE A 63 -50.81 16.26 22.38
C PHE A 63 -50.77 15.54 21.05
N THR A 64 -51.95 15.28 20.53
CA THR A 64 -52.16 14.81 19.17
C THR A 64 -51.43 15.72 18.16
N GLU A 65 -51.52 17.03 18.36
CA GLU A 65 -50.85 17.98 17.47
C GLU A 65 -49.33 18.00 17.65
N LEU A 66 -48.84 17.86 18.89
CA LEU A 66 -47.40 17.72 19.12
C LEU A 66 -46.85 16.45 18.44
N ALA A 67 -47.67 15.39 18.44
CA ALA A 67 -47.30 14.11 17.86
C ALA A 67 -47.23 14.19 16.34
N ILE A 68 -48.08 14.97 15.73
CA ILE A 68 -47.99 15.22 14.30
C ILE A 68 -46.71 15.95 13.93
N ILE A 69 -46.34 16.95 14.74
CA ILE A 69 -45.09 17.67 14.55
C ILE A 69 -43.95 16.65 14.52
N SER A 70 -43.93 15.77 15.51
CA SER A 70 -42.86 14.75 15.60
C SER A 70 -42.89 13.82 14.39
N VAL A 71 -44.08 13.47 13.93
CA VAL A 71 -44.17 12.58 12.79
C VAL A 71 -43.49 13.25 11.59
N GLN A 72 -43.73 14.54 11.41
CA GLN A 72 -43.14 15.29 10.31
C GLN A 72 -41.62 15.29 10.40
N GLU A 73 -41.07 15.50 11.57
CA GLU A 73 -39.63 15.39 11.77
C GLU A 73 -39.10 14.03 11.36
N ILE A 74 -39.73 12.97 11.85
CA ILE A 74 -39.23 11.63 11.61
C ILE A 74 -39.24 11.29 10.13
N VAL A 75 -40.33 11.65 9.44
CA VAL A 75 -40.47 11.38 8.01
C VAL A 75 -39.36 12.07 7.23
N ASP A 76 -39.16 13.36 7.52
CA ASP A 76 -38.12 14.19 6.92
C ASP A 76 -36.70 13.62 7.24
N PHE A 77 -36.48 13.13 8.44
CA PHE A 77 -35.20 12.51 8.81
C PHE A 77 -34.94 11.19 8.03
N ALA A 78 -35.96 10.34 7.95
CA ALA A 78 -35.87 9.05 7.27
C ALA A 78 -35.46 9.20 5.79
N LYS A 79 -36.04 10.15 5.06
CA LYS A 79 -35.68 10.35 3.64
C LYS A 79 -34.21 10.83 3.44
N GLN A 80 -33.52 11.13 4.53
CA GLN A 80 -32.11 11.52 4.50
C GLN A 80 -31.18 10.44 5.04
N VAL A 81 -31.76 9.38 5.57
CA VAL A 81 -30.96 8.24 5.99
C VAL A 81 -30.49 7.55 4.71
N PRO A 82 -29.18 7.46 4.47
CA PRO A 82 -28.70 6.73 3.29
C PRO A 82 -29.20 5.29 3.23
N GLY A 83 -29.76 4.90 2.10
CA GLY A 83 -30.41 3.60 1.96
C GLY A 83 -31.91 3.72 1.79
N PHE A 84 -32.54 4.67 2.46
CA PHE A 84 -33.99 4.75 2.49
C PHE A 84 -34.63 4.98 1.11
N LEU A 85 -34.02 5.80 0.28
CA LEU A 85 -34.60 6.05 -1.05
C LEU A 85 -34.18 5.01 -2.11
N GLN A 86 -33.25 4.13 -1.77
CA GLN A 86 -32.97 2.93 -2.58
C GLN A 86 -34.12 1.92 -2.53
N LEU A 87 -35.00 2.02 -1.52
CA LEU A 87 -36.16 1.14 -1.39
C LEU A 87 -37.33 1.61 -2.23
N GLY A 88 -38.18 0.67 -2.66
CA GLY A 88 -39.42 0.98 -3.34
C GLY A 88 -40.34 1.77 -2.44
N ARG A 89 -41.24 2.52 -3.04
CA ARG A 89 -42.16 3.36 -2.27
C ARG A 89 -42.97 2.54 -1.27
N GLU A 90 -43.35 1.33 -1.65
CA GLU A 90 -44.18 0.52 -0.77
C GLU A 90 -43.44 0.15 0.52
N ASP A 91 -42.19 -0.24 0.39
CA ASP A 91 -41.37 -0.54 1.58
C ASP A 91 -41.06 0.68 2.41
N GLN A 92 -40.87 1.83 1.75
CA GLN A 92 -40.63 3.09 2.43
C GLN A 92 -41.78 3.42 3.35
N ILE A 93 -43.00 3.29 2.82
CA ILE A 93 -44.20 3.49 3.58
C ILE A 93 -44.30 2.44 4.68
N ALA A 94 -44.05 1.18 4.37
CA ALA A 94 -44.21 0.15 5.38
C ALA A 94 -43.23 0.32 6.57
N LEU A 95 -41.97 0.69 6.29
CA LEU A 95 -40.97 0.88 7.36
C LEU A 95 -41.23 2.13 8.22
N LEU A 96 -41.73 3.19 7.61
CA LEU A 96 -42.15 4.38 8.35
C LEU A 96 -43.38 4.14 9.22
N LYS A 97 -44.36 3.45 8.69
CA LYS A 97 -45.57 3.14 9.44
C LYS A 97 -45.16 2.45 10.75
N ALA A 98 -44.33 1.43 10.62
CA ALA A 98 -43.92 0.65 11.79
C ALA A 98 -42.95 1.40 12.70
N SER A 99 -42.07 2.21 12.14
CA SER A 99 -41.00 2.84 12.91
C SER A 99 -41.47 4.05 13.68
N THR A 100 -42.50 4.72 13.16
CA THR A 100 -42.81 6.04 13.64
C THR A 100 -43.04 6.07 15.14
N ILE A 101 -43.88 5.20 15.66
CA ILE A 101 -44.19 5.23 17.10
C ILE A 101 -42.91 4.93 17.91
N GLU A 102 -42.11 4.00 17.42
CA GLU A 102 -40.87 3.62 18.11
C GLU A 102 -39.86 4.76 18.19
N ILE A 103 -39.68 5.48 17.09
CA ILE A 103 -38.76 6.62 17.06
C ILE A 103 -39.29 7.75 17.96
N MET A 104 -40.60 7.92 17.98
CA MET A 104 -41.25 8.91 18.81
C MET A 104 -40.96 8.61 20.25
N LEU A 105 -41.01 7.35 20.63
CA LEU A 105 -40.75 6.96 22.01
C LEU A 105 -39.31 7.25 22.34
N LEU A 106 -38.42 6.95 21.40
CA LEU A 106 -37.00 7.29 21.57
C LEU A 106 -36.82 8.79 21.79
N GLU A 107 -37.49 9.60 20.96
CA GLU A 107 -37.39 11.08 21.03
C GLU A 107 -37.99 11.59 22.35
N THR A 108 -39.04 10.92 22.79
CA THR A 108 -39.66 11.27 24.04
C THR A 108 -38.74 10.95 25.20
N ALA A 109 -38.03 9.82 25.15
CA ALA A 109 -37.09 9.46 26.22
C ALA A 109 -35.99 10.50 26.36
N ARG A 110 -35.53 10.97 25.22
CA ARG A 110 -34.51 12.02 25.10
C ARG A 110 -34.89 13.35 25.73
N ARG A 111 -36.19 13.63 25.76
CA ARG A 111 -36.75 14.88 26.30
C ARG A 111 -37.26 14.76 27.73
N TYR A 112 -37.05 13.59 28.32
CA TYR A 112 -37.33 13.36 29.73
C TYR A 112 -36.25 14.02 30.58
N ASN A 113 -36.68 14.80 31.56
CA ASN A 113 -35.79 15.39 32.53
C ASN A 113 -35.92 14.59 33.81
N HIS A 114 -34.87 13.85 34.14
CA HIS A 114 -34.77 13.02 35.35
C HIS A 114 -35.07 13.84 36.63
N GLU A 115 -34.62 15.09 36.66
CA GLU A 115 -34.70 15.91 37.89
C GLU A 115 -36.08 16.52 38.19
N THR A 116 -36.90 16.74 37.14
CA THR A 116 -38.25 17.27 37.28
C THR A 116 -39.33 16.20 37.03
N GLU A 117 -38.91 15.01 36.58
CA GLU A 117 -39.83 13.92 36.17
C GLU A 117 -40.83 14.37 35.07
N CYS A 118 -40.40 15.31 34.24
CA CYS A 118 -41.23 15.92 33.20
C CYS A 118 -40.58 15.81 31.83
N ILE A 119 -41.41 15.87 30.79
CA ILE A 119 -41.01 15.70 29.41
C ILE A 119 -41.26 16.99 28.65
N THR A 120 -40.28 17.45 27.87
CA THR A 120 -40.35 18.73 27.19
C THR A 120 -40.36 18.59 25.67
N PHE A 121 -41.48 19.00 25.08
CA PHE A 121 -41.62 19.08 23.63
C PHE A 121 -41.33 20.49 23.13
N LEU A 122 -40.61 20.60 22.02
CA LEU A 122 -40.46 21.86 21.27
C LEU A 122 -39.87 23.03 22.09
N LYS A 123 -38.80 22.77 22.84
CA LYS A 123 -38.13 23.81 23.66
C LYS A 123 -38.90 24.22 24.91
N ASP A 124 -40.23 24.17 24.86
CA ASP A 124 -41.05 24.98 25.76
C ASP A 124 -42.21 24.26 26.43
N PHE A 125 -42.90 23.39 25.70
CA PHE A 125 -44.08 22.71 26.23
C PHE A 125 -43.67 21.57 27.13
N THR A 126 -43.98 21.70 28.42
CA THR A 126 -43.51 20.75 29.44
C THR A 126 -44.68 20.08 30.15
N TYR A 127 -44.55 18.79 30.43
CA TYR A 127 -45.65 17.98 30.98
C TYR A 127 -45.17 16.91 31.94
N SER A 128 -46.01 16.58 32.91
CA SER A 128 -45.70 15.57 33.92
C SER A 128 -46.60 14.38 33.72
N LYS A 129 -46.30 13.30 34.42
CA LYS A 129 -47.14 12.09 34.40
C LYS A 129 -48.63 12.41 34.55
N ASP A 130 -48.94 13.37 35.44
CA ASP A 130 -50.32 13.76 35.69
C ASP A 130 -50.93 14.37 34.44
N ASP A 131 -50.20 15.29 33.82
CA ASP A 131 -50.69 15.94 32.59
C ASP A 131 -51.13 14.91 31.53
N PHE A 132 -50.40 13.80 31.40
CA PHE A 132 -50.77 12.78 30.43
C PHE A 132 -52.05 12.06 30.83
N HIS A 133 -52.28 11.90 32.12
CA HIS A 133 -53.53 11.30 32.61
C HIS A 133 -54.74 12.23 32.48
N ARG A 134 -54.54 13.53 32.68
CA ARG A 134 -55.60 14.51 32.57
C ARG A 134 -56.12 14.65 31.13
N ALA A 135 -55.36 14.15 30.15
CA ALA A 135 -55.74 14.16 28.73
C ALA A 135 -56.39 12.85 28.27
N GLY A 136 -56.50 11.88 29.18
CA GLY A 136 -57.34 10.71 28.98
C GLY A 136 -56.60 9.52 28.39
N LEU A 137 -55.29 9.49 28.59
CA LEU A 137 -54.50 8.33 28.21
C LEU A 137 -54.55 7.26 29.31
N GLN A 138 -54.71 5.99 28.93
CA GLN A 138 -54.56 4.84 29.82
C GLN A 138 -53.37 5.04 30.75
N VAL A 139 -53.46 4.50 31.96
CA VAL A 139 -52.29 4.40 32.85
C VAL A 139 -51.36 3.28 32.34
N GLU A 140 -51.97 2.25 31.76
CA GLU A 140 -51.25 1.14 31.11
C GLU A 140 -50.36 1.55 29.91
N PHE A 141 -50.55 2.80 29.46
CA PHE A 141 -49.79 3.39 28.36
C PHE A 141 -48.74 4.32 28.94
N ILE A 142 -49.16 5.16 29.88
CA ILE A 142 -48.29 6.17 30.47
C ILE A 142 -47.13 5.59 31.27
N ASN A 143 -47.42 4.61 32.13
CA ASN A 143 -46.41 4.10 33.06
C ASN A 143 -45.25 3.42 32.32
N PRO A 144 -45.54 2.55 31.35
CA PRO A 144 -44.49 1.97 30.51
C PRO A 144 -43.68 2.97 29.69
N ILE A 145 -44.25 4.11 29.27
CA ILE A 145 -43.46 5.10 28.50
C ILE A 145 -42.50 5.82 29.45
N PHE A 146 -42.95 6.12 30.67
CA PHE A 146 -42.09 6.73 31.70
C PHE A 146 -40.99 5.78 32.23
N GLU A 147 -41.29 4.50 32.31
CA GLU A 147 -40.31 3.48 32.67
C GLU A 147 -39.22 3.40 31.60
N PHE A 148 -39.62 3.41 30.34
CA PHE A 148 -38.70 3.34 29.22
C PHE A 148 -37.84 4.60 29.20
N SER A 149 -38.45 5.75 29.39
CA SER A 149 -37.74 7.04 29.34
C SER A 149 -36.59 7.07 30.32
N ARG A 150 -36.86 6.70 31.55
CA ARG A 150 -35.81 6.78 32.57
C ARG A 150 -34.71 5.72 32.40
N ALA A 151 -35.09 4.54 31.93
CA ALA A 151 -34.14 3.50 31.54
C ALA A 151 -33.23 3.97 30.40
N MET A 152 -33.80 4.73 29.47
CA MET A 152 -33.05 5.25 28.35
C MET A 152 -32.04 6.31 28.79
N ARG A 153 -32.40 7.10 29.80
CA ARG A 153 -31.50 8.09 30.35
C ARG A 153 -30.32 7.49 31.09
N ARG A 154 -30.49 6.31 31.67
CA ARG A 154 -29.40 5.66 32.41
C ARG A 154 -28.35 5.26 31.41
N LEU A 155 -28.79 4.77 30.25
CA LEU A 155 -27.89 4.35 29.21
C LEU A 155 -27.02 5.51 28.72
N GLY A 156 -27.52 6.74 28.81
CA GLY A 156 -26.76 7.90 28.37
C GLY A 156 -26.21 7.85 26.95
N LEU A 157 -27.05 7.56 25.97
CA LEU A 157 -26.60 7.55 24.58
C LEU A 157 -26.13 8.93 24.13
N ASP A 158 -25.10 9.01 23.30
CA ASP A 158 -24.72 10.29 22.72
C ASP A 158 -25.43 10.47 21.37
N ASP A 159 -25.23 11.61 20.72
CA ASP A 159 -25.95 11.96 19.49
C ASP A 159 -25.77 10.92 18.39
N ALA A 160 -24.55 10.41 18.24
CA ALA A 160 -24.25 9.40 17.23
C ALA A 160 -24.95 8.08 17.53
N GLU A 161 -24.94 7.67 18.80
CA GLU A 161 -25.58 6.44 19.24
C GLU A 161 -27.08 6.49 19.02
N TYR A 162 -27.76 7.57 19.42
CA TYR A 162 -29.18 7.76 19.12
C TYR A 162 -29.48 7.67 17.64
N ALA A 163 -28.80 8.50 16.85
CA ALA A 163 -28.99 8.53 15.39
C ALA A 163 -28.84 7.15 14.75
N LEU A 164 -27.76 6.47 15.10
CA LEU A 164 -27.50 5.14 14.59
C LEU A 164 -28.56 4.13 15.03
N LEU A 165 -29.06 4.23 16.26
CA LEU A 165 -30.13 3.34 16.73
C LEU A 165 -31.38 3.53 15.92
N ILE A 166 -31.70 4.77 15.63
CA ILE A 166 -32.88 5.09 14.84
C ILE A 166 -32.81 4.50 13.43
N ALA A 167 -31.72 4.70 12.72
CA ALA A 167 -31.52 4.09 11.41
C ALA A 167 -31.60 2.56 11.47
N ILE A 168 -31.08 1.97 12.53
CA ILE A 168 -31.13 0.53 12.67
C ILE A 168 -32.58 0.13 12.87
N ASN A 169 -33.35 0.95 13.60
CA ASN A 169 -34.77 0.68 13.88
C ASN A 169 -35.57 0.76 12.62
N ILE A 170 -35.30 1.77 11.81
CA ILE A 170 -35.95 1.95 10.52
C ILE A 170 -35.82 0.73 9.61
N PHE A 171 -34.61 0.20 9.48
CA PHE A 171 -34.36 -0.90 8.54
C PHE A 171 -34.57 -2.25 9.19
N SER A 172 -35.74 -2.49 9.75
CA SER A 172 -36.06 -3.80 10.32
C SER A 172 -36.85 -4.55 9.29
N ALA A 173 -36.28 -5.64 8.78
CA ALA A 173 -36.86 -6.34 7.65
C ALA A 173 -38.14 -7.09 8.02
N ASP A 174 -38.41 -7.25 9.32
CA ASP A 174 -39.59 -8.02 9.78
C ASP A 174 -40.85 -7.19 10.04
N ARG A 175 -40.87 -5.92 9.61
CA ARG A 175 -42.05 -5.07 9.74
C ARG A 175 -43.16 -5.66 8.88
N PRO A 176 -44.41 -5.41 9.24
CA PRO A 176 -45.54 -5.79 8.37
C PRO A 176 -45.47 -5.21 6.95
N ASN A 177 -45.82 -6.02 5.97
CA ASN A 177 -45.99 -5.58 4.56
C ASN A 177 -44.72 -5.24 3.80
N VAL A 178 -43.55 -5.65 4.28
CA VAL A 178 -42.30 -5.45 3.56
C VAL A 178 -42.13 -6.49 2.42
N GLN A 179 -41.80 -5.99 1.24
CA GLN A 179 -41.76 -6.81 0.03
C GLN A 179 -40.36 -7.30 -0.24
N GLU A 180 -39.36 -6.52 0.16
CA GLU A 180 -37.97 -6.84 -0.11
C GLU A 180 -37.19 -6.89 1.20
N PRO A 181 -37.51 -7.85 2.05
CA PRO A 181 -36.89 -7.93 3.37
C PRO A 181 -35.38 -8.16 3.30
N GLY A 182 -34.93 -8.99 2.35
CA GLY A 182 -33.51 -9.19 2.12
C GLY A 182 -32.76 -7.88 1.87
N ARG A 183 -33.34 -7.00 1.06
CA ARG A 183 -32.75 -5.68 0.83
C ARG A 183 -32.73 -4.77 2.07
N VAL A 184 -33.81 -4.79 2.85
CA VAL A 184 -33.93 -3.97 4.04
C VAL A 184 -32.87 -4.40 5.07
N GLU A 185 -32.70 -5.69 5.21
CA GLU A 185 -31.73 -6.26 6.12
C GLU A 185 -30.30 -5.97 5.65
N ALA A 186 -30.06 -6.05 4.35
CA ALA A 186 -28.78 -5.64 3.76
C ALA A 186 -28.44 -4.19 4.06
N LEU A 187 -29.43 -3.30 4.04
CA LEU A 187 -29.22 -1.88 4.34
C LEU A 187 -29.02 -1.56 5.84
N GLN A 188 -29.65 -2.36 6.70
CA GLN A 188 -29.45 -2.27 8.13
C GLN A 188 -28.03 -2.61 8.54
N GLN A 189 -27.43 -3.55 7.82
CA GLN A 189 -26.11 -4.08 8.17
C GLN A 189 -25.00 -3.02 8.41
N PRO A 190 -24.76 -2.10 7.50
CA PRO A 190 -23.70 -1.10 7.70
C PRO A 190 -23.90 -0.13 8.88
N TYR A 191 -25.15 0.10 9.25
CA TYR A 191 -25.48 0.89 10.43
C TYR A 191 -25.18 0.09 11.69
N VAL A 192 -25.42 -1.21 11.63
CA VAL A 192 -25.10 -2.07 12.76
C VAL A 192 -23.58 -2.15 12.91
N GLU A 193 -22.84 -2.36 11.81
CA GLU A 193 -21.36 -2.35 11.84
C GLU A 193 -20.83 -1.04 12.39
N ALA A 194 -21.44 0.07 11.98
CA ALA A 194 -20.95 1.39 12.39
C ALA A 194 -21.19 1.64 13.88
N LEU A 195 -22.27 1.09 14.41
CA LEU A 195 -22.56 1.23 15.82
C LEU A 195 -21.63 0.33 16.65
N LEU A 196 -21.31 -0.84 16.12
CA LEU A 196 -20.38 -1.74 16.78
C LEU A 196 -19.01 -1.07 16.93
N SER A 197 -18.44 -0.61 15.81
CA SER A 197 -17.17 0.12 15.81
C SER A 197 -17.21 1.39 16.63
N TYR A 198 -18.29 2.15 16.58
CA TYR A 198 -18.35 3.38 17.33
C TYR A 198 -18.25 3.09 18.84
N THR A 199 -19.06 2.15 19.31
CA THR A 199 -19.03 1.79 20.74
C THR A 199 -17.72 1.14 21.17
N ARG A 200 -17.05 0.41 20.29
CA ARG A 200 -15.73 -0.18 20.60
C ARG A 200 -14.67 0.92 20.80
N ILE A 201 -14.72 1.97 19.99
CA ILE A 201 -13.74 3.04 20.06
C ILE A 201 -14.06 4.11 21.13
N LYS A 202 -15.34 4.47 21.23
CA LYS A 202 -15.79 5.53 22.12
C LYS A 202 -15.98 5.03 23.55
N ARG A 203 -16.30 3.74 23.73
CA ARG A 203 -16.41 3.17 25.08
C ARG A 203 -15.71 1.82 25.18
N PRO A 204 -14.38 1.83 25.15
CA PRO A 204 -13.61 0.60 24.98
C PRO A 204 -13.68 -0.37 26.19
N GLN A 205 -13.96 0.14 27.39
CA GLN A 205 -14.02 -0.69 28.59
C GLN A 205 -15.47 -0.99 29.05
N ASP A 206 -16.46 -0.70 28.21
CA ASP A 206 -17.84 -1.13 28.40
C ASP A 206 -18.31 -2.04 27.24
N GLN A 207 -18.00 -3.32 27.40
CA GLN A 207 -18.22 -4.36 26.41
C GLN A 207 -19.69 -4.56 26.05
N LEU A 208 -20.57 -4.41 27.04
CA LEU A 208 -22.00 -4.69 26.88
C LEU A 208 -22.83 -3.49 26.42
N ARG A 209 -22.17 -2.37 26.16
CA ARG A 209 -22.80 -1.16 25.66
C ARG A 209 -23.68 -1.46 24.47
N PHE A 210 -23.06 -2.10 23.51
CA PHE A 210 -23.67 -2.33 22.24
C PHE A 210 -24.93 -3.21 22.41
N PRO A 211 -24.81 -4.38 23.03
CA PRO A 211 -25.99 -5.21 23.23
C PRO A 211 -27.07 -4.55 24.09
N ARG A 212 -26.73 -3.74 25.07
CA ARG A 212 -27.77 -3.05 25.83
C ARG A 212 -28.57 -2.11 24.91
N MET A 213 -27.89 -1.49 23.95
CA MET A 213 -28.57 -0.58 23.02
C MET A 213 -29.55 -1.33 22.12
N LEU A 214 -29.05 -2.39 21.49
CA LEU A 214 -29.92 -3.26 20.70
C LEU A 214 -31.08 -3.79 21.53
N MET A 215 -30.89 -4.05 22.81
CA MET A 215 -32.00 -4.54 23.65
C MET A 215 -33.15 -3.54 23.84
N LYS A 216 -32.86 -2.26 23.66
CA LYS A 216 -33.92 -1.24 23.64
C LYS A 216 -34.85 -1.37 22.45
N LEU A 217 -34.35 -1.90 21.34
CA LEU A 217 -35.19 -2.21 20.21
C LEU A 217 -36.23 -3.28 20.58
N VAL A 218 -35.88 -4.20 21.49
CA VAL A 218 -36.83 -5.17 22.00
C VAL A 218 -37.94 -4.51 22.79
N SER A 219 -37.56 -3.60 23.71
CA SER A 219 -38.50 -2.83 24.53
C SER A 219 -39.46 -2.05 23.65
N LEU A 220 -38.91 -1.42 22.61
CA LEU A 220 -39.72 -0.66 21.70
C LEU A 220 -40.76 -1.49 20.94
N ARG A 221 -40.45 -2.75 20.58
CA ARG A 221 -41.46 -3.58 19.93
C ARG A 221 -42.66 -3.79 20.81
N THR A 222 -42.40 -4.12 22.07
CA THR A 222 -43.46 -4.23 23.04
C THR A 222 -44.20 -2.88 23.28
N LEU A 223 -43.48 -1.77 23.32
CA LEU A 223 -44.16 -0.46 23.47
C LEU A 223 -45.09 -0.17 22.27
N SER A 224 -44.74 -0.68 21.12
CA SER A 224 -45.57 -0.59 19.95
C SER A 224 -46.91 -1.30 20.06
N SER A 225 -46.91 -2.50 20.66
CA SER A 225 -48.15 -3.23 20.95
C SER A 225 -48.98 -2.51 21.99
N VAL A 226 -48.33 -2.00 23.02
CA VAL A 226 -49.00 -1.23 24.06
C VAL A 226 -49.74 -0.01 23.42
N HIS A 227 -49.08 0.63 22.46
CA HIS A 227 -49.66 1.71 21.72
C HIS A 227 -50.87 1.30 20.86
N SER A 228 -50.80 0.15 20.17
CA SER A 228 -51.95 -0.35 19.42
C SER A 228 -53.11 -0.56 20.37
N GLU A 229 -52.82 -1.05 21.58
CA GLU A 229 -53.90 -1.22 22.57
C GLU A 229 -54.48 0.14 22.96
N GLN A 230 -53.65 1.19 23.03
CA GLN A 230 -54.14 2.53 23.40
C GLN A 230 -54.95 3.13 22.25
N VAL A 231 -54.60 2.77 21.02
CA VAL A 231 -55.32 3.26 19.85
C VAL A 231 -56.69 2.61 19.80
N PHE A 232 -56.73 1.32 20.13
CA PHE A 232 -57.96 0.53 20.19
C PHE A 232 -58.88 1.11 21.27
N ALA A 233 -58.33 1.43 22.44
CA ALA A 233 -59.10 2.05 23.54
C ALA A 233 -59.65 3.44 23.22
N LEU A 234 -59.02 4.15 22.28
CA LEU A 234 -59.55 5.43 21.80
C LEU A 234 -60.76 5.20 20.90
N ARG A 235 -60.67 4.22 20.01
CA ARG A 235 -61.76 3.82 19.09
C ARG A 235 -63.08 3.52 19.80
N LEU A 236 -63.03 2.72 20.85
CA LEU A 236 -64.26 2.43 21.60
C LEU A 236 -64.70 3.59 22.52
N GLN A 237 -63.76 4.46 22.89
CA GLN A 237 -64.03 5.63 23.74
C GLN A 237 -64.46 6.87 22.92
N ASP A 238 -64.75 6.67 21.63
CA ASP A 238 -65.21 7.74 20.74
C ASP A 238 -64.21 8.89 20.56
N LYS A 239 -62.92 8.60 20.72
CA LYS A 239 -61.87 9.61 20.60
C LYS A 239 -61.11 9.39 19.31
N LYS A 240 -61.19 10.37 18.40
CA LYS A 240 -60.66 10.23 17.05
C LYS A 240 -59.23 10.75 16.91
N LEU A 241 -58.37 9.96 16.29
CA LEU A 241 -57.08 10.46 15.82
C LEU A 241 -57.32 11.45 14.69
N PRO A 242 -56.54 12.53 14.66
CA PRO A 242 -56.62 13.49 13.55
C PRO A 242 -56.13 12.79 12.29
N PRO A 243 -56.55 13.21 11.11
CA PRO A 243 -56.25 12.49 9.85
C PRO A 243 -54.79 12.08 9.61
N LEU A 244 -53.80 12.87 9.98
CA LEU A 244 -52.41 12.49 9.70
C LEU A 244 -51.96 11.34 10.59
N LEU A 245 -52.41 11.32 11.84
CA LEU A 245 -52.15 10.15 12.69
C LEU A 245 -53.03 8.96 12.31
N SER A 246 -54.26 9.23 11.90
CA SER A 246 -55.17 8.15 11.48
C SER A 246 -54.59 7.31 10.36
N GLU A 247 -53.91 7.96 9.40
CA GLU A 247 -53.32 7.29 8.23
C GLU A 247 -52.28 6.28 8.67
N ILE A 248 -51.67 6.52 9.82
CA ILE A 248 -50.60 5.65 10.30
C ILE A 248 -51.14 4.51 11.17
N TRP A 249 -52.07 4.80 12.08
CA TRP A 249 -52.37 3.90 13.18
C TRP A 249 -53.75 3.24 13.21
N ASP A 250 -54.73 3.80 12.50
CA ASP A 250 -56.05 3.16 12.47
C ASP A 250 -56.03 1.99 11.49
N VAL A 251 -56.91 0.99 11.70
CA VAL A 251 -57.10 -0.09 10.73
C VAL A 251 -58.12 0.36 9.66
N HIS A 252 -57.85 -0.03 8.40
CA HIS A 252 -58.66 0.35 7.24
C HIS A 252 -58.73 1.86 7.04
N LEU B 12 -13.02 -18.65 26.92
CA LEU B 12 -14.15 -18.69 27.94
C LEU B 12 -13.60 -19.01 29.32
N THR B 13 -14.18 -18.41 30.37
CA THR B 13 -13.83 -18.77 31.74
C THR B 13 -14.46 -20.10 32.13
N ALA B 14 -13.99 -20.70 33.21
CA ALA B 14 -14.54 -21.95 33.69
C ALA B 14 -16.00 -21.74 34.00
N ALA B 15 -16.32 -20.58 34.57
CA ALA B 15 -17.68 -20.26 34.99
C ALA B 15 -18.63 -20.11 33.83
N GLN B 16 -18.17 -19.55 32.72
CA GLN B 16 -18.97 -19.44 31.52
C GLN B 16 -19.17 -20.81 30.89
N GLU B 17 -18.14 -21.64 30.86
CA GLU B 17 -18.28 -23.02 30.39
C GLU B 17 -19.27 -23.82 31.29
N LEU B 18 -19.09 -23.78 32.61
CA LEU B 18 -20.04 -24.41 33.52
C LEU B 18 -21.46 -23.96 33.27
N MET B 19 -21.66 -22.66 33.14
CA MET B 19 -22.95 -22.08 32.88
C MET B 19 -23.60 -22.64 31.62
N ILE B 20 -22.84 -22.72 30.52
CA ILE B 20 -23.37 -23.25 29.27
C ILE B 20 -23.69 -24.75 29.42
N GLN B 21 -22.80 -25.50 30.08
CA GLN B 21 -23.03 -26.92 30.27
C GLN B 21 -24.32 -27.18 31.06
N GLN B 22 -24.59 -26.38 32.09
CA GLN B 22 -25.83 -26.45 32.91
C GLN B 22 -27.12 -26.25 32.09
N LEU B 23 -27.08 -25.28 31.20
CA LEU B 23 -28.24 -24.91 30.41
C LEU B 23 -28.47 -25.96 29.37
N VAL B 24 -27.39 -26.43 28.77
CA VAL B 24 -27.47 -27.44 27.73
C VAL B 24 -28.00 -28.77 28.31
N ALA B 25 -27.43 -29.20 29.45
CA ALA B 25 -27.83 -30.43 30.13
C ALA B 25 -29.30 -30.38 30.59
N ALA B 26 -29.78 -29.23 31.03
CA ALA B 26 -31.15 -29.07 31.51
C ALA B 26 -32.10 -29.12 30.33
N GLN B 27 -31.70 -28.52 29.24
CA GLN B 27 -32.42 -28.61 28.02
C GLN B 27 -32.51 -30.06 27.58
N LEU B 28 -31.43 -30.81 27.71
CA LEU B 28 -31.44 -32.19 27.28
C LEU B 28 -32.37 -33.06 28.17
N GLN B 29 -32.44 -32.81 29.47
CA GLN B 29 -33.39 -33.51 30.34
C GLN B 29 -34.82 -33.20 29.86
N CYS B 30 -35.07 -31.93 29.52
CA CYS B 30 -36.37 -31.55 28.96
C CYS B 30 -36.71 -32.35 27.69
N ASN B 31 -35.74 -32.56 26.80
CA ASN B 31 -35.96 -33.31 25.56
C ASN B 31 -36.32 -34.76 25.89
N LYS B 32 -35.55 -35.38 26.80
CA LYS B 32 -35.82 -36.76 27.22
C LYS B 32 -37.26 -36.94 27.74
N ARG B 33 -37.77 -35.95 28.44
CA ARG B 33 -39.15 -35.95 28.95
C ARG B 33 -40.19 -35.92 27.82
N SER B 34 -39.99 -35.04 26.87
CA SER B 34 -40.72 -35.01 25.59
C SER B 34 -40.76 -36.36 24.86
N PHE B 35 -39.64 -37.08 24.85
CA PHE B 35 -39.57 -38.37 24.15
C PHE B 35 -40.43 -39.34 24.93
N SER B 36 -40.27 -39.35 26.25
CA SER B 36 -41.07 -40.18 27.19
C SER B 36 -42.58 -39.94 27.19
N ASP B 37 -43.00 -38.75 26.86
CA ASP B 37 -44.42 -38.42 26.89
C ASP B 37 -45.04 -38.45 25.50
N GLN B 38 -44.23 -38.62 24.45
CA GLN B 38 -44.77 -38.74 23.10
C GLN B 38 -45.83 -39.85 23.02
N PRO B 39 -45.57 -41.02 23.61
CA PRO B 39 -46.59 -42.10 23.66
C PRO B 39 -47.87 -41.81 24.46
N LYS B 40 -47.90 -40.75 25.25
CA LYS B 40 -49.07 -40.35 26.04
C LYS B 40 -50.06 -39.46 25.28
N VAL B 41 -49.59 -38.86 24.17
CA VAL B 41 -50.32 -37.85 23.42
C VAL B 41 -51.37 -38.52 22.56
N THR B 42 -52.57 -37.93 22.57
CA THR B 42 -53.70 -38.40 21.77
C THR B 42 -53.30 -38.31 20.30
N PRO B 43 -53.24 -39.45 19.61
CA PRO B 43 -52.75 -39.48 18.22
C PRO B 43 -53.45 -38.48 17.30
N TRP B 44 -52.69 -37.98 16.33
CA TRP B 44 -53.24 -37.14 15.27
C TRP B 44 -54.26 -37.96 14.50
N PRO B 45 -55.39 -37.35 14.15
CA PRO B 45 -56.35 -38.03 13.28
C PRO B 45 -55.80 -38.20 11.88
N LEU B 46 -55.52 -39.46 11.51
CA LEU B 46 -55.18 -39.83 10.15
C LEU B 46 -56.45 -40.45 9.71
N GLY B 47 -57.45 -39.61 9.51
CA GLY B 47 -58.77 -40.08 9.16
C GLY B 47 -58.95 -39.81 7.69
N ALA B 48 -60.09 -40.23 7.13
CA ALA B 48 -60.49 -39.74 5.82
C ALA B 48 -60.33 -38.20 5.74
N ASP B 49 -60.09 -37.54 6.89
CA ASP B 49 -59.82 -36.11 6.95
C ASP B 49 -60.96 -35.42 6.21
N PRO B 50 -62.21 -35.68 6.65
CA PRO B 50 -63.40 -35.39 5.83
C PRO B 50 -63.85 -33.93 5.86
N GLN B 51 -62.95 -33.03 6.30
CA GLN B 51 -63.24 -31.60 6.46
C GLN B 51 -64.46 -31.42 7.34
N SER B 52 -64.41 -32.10 8.49
CA SER B 52 -65.47 -32.09 9.47
C SER B 52 -65.00 -31.26 10.66
N ARG B 53 -65.98 -30.78 11.42
CA ARG B 53 -65.75 -29.99 12.62
C ARG B 53 -65.06 -30.82 13.72
N ASP B 54 -65.33 -32.12 13.73
CA ASP B 54 -64.87 -33.01 14.79
C ASP B 54 -63.35 -33.23 14.75
N ALA B 55 -62.83 -33.46 13.56
CA ALA B 55 -61.43 -33.80 13.36
C ALA B 55 -60.53 -32.57 13.50
N ARG B 56 -61.08 -31.39 13.17
CA ARG B 56 -60.39 -30.14 13.37
C ARG B 56 -60.16 -29.93 14.87
N GLN B 57 -61.18 -30.20 15.67
CA GLN B 57 -61.07 -30.09 17.14
C GLN B 57 -60.05 -31.07 17.68
N GLN B 58 -59.96 -32.25 17.06
CA GLN B 58 -59.06 -33.31 17.47
C GLN B 58 -57.63 -32.89 17.16
N ARG B 59 -57.41 -32.29 16.00
CA ARG B 59 -56.08 -31.75 15.69
C ARG B 59 -55.64 -30.65 16.67
N PHE B 60 -56.55 -29.70 16.92
CA PHE B 60 -56.29 -28.58 17.82
C PHE B 60 -55.99 -29.10 19.21
N ALA B 61 -56.81 -30.01 19.71
CA ALA B 61 -56.58 -30.63 21.03
C ALA B 61 -55.23 -31.33 21.11
N HIS B 62 -54.87 -32.09 20.08
CA HIS B 62 -53.57 -32.76 19.98
C HIS B 62 -52.41 -31.72 20.07
N PHE B 63 -52.57 -30.60 19.37
CA PHE B 63 -51.61 -29.51 19.49
C PHE B 63 -51.57 -28.90 20.89
N THR B 64 -52.72 -28.78 21.56
CA THR B 64 -52.70 -28.16 22.88
C THR B 64 -51.89 -29.04 23.83
N GLU B 65 -51.86 -30.36 23.58
CA GLU B 65 -51.12 -31.29 24.44
C GLU B 65 -49.60 -31.17 24.27
N LEU B 66 -49.15 -31.05 23.01
CA LEU B 66 -47.75 -30.65 22.78
C LEU B 66 -47.42 -29.36 23.51
N ALA B 67 -48.28 -28.36 23.46
CA ALA B 67 -48.02 -27.05 24.10
C ALA B 67 -47.95 -27.19 25.61
N ILE B 68 -48.81 -28.04 26.15
CA ILE B 68 -48.83 -28.30 27.57
C ILE B 68 -47.52 -28.96 27.98
N ILE B 69 -47.08 -29.92 27.18
CA ILE B 69 -45.79 -30.55 27.46
C ILE B 69 -44.71 -29.49 27.48
N SER B 70 -44.69 -28.57 26.52
CA SER B 70 -43.60 -27.60 26.46
C SER B 70 -43.71 -26.60 27.60
N VAL B 71 -44.92 -26.15 27.92
CA VAL B 71 -45.05 -25.18 29.00
C VAL B 71 -44.54 -25.79 30.30
N GLN B 72 -44.85 -27.04 30.58
CA GLN B 72 -44.36 -27.67 31.80
C GLN B 72 -42.84 -27.81 31.80
N GLU B 73 -42.23 -28.18 30.67
CA GLU B 73 -40.77 -28.30 30.60
C GLU B 73 -40.09 -26.94 30.83
N ILE B 74 -40.66 -25.87 30.28
CA ILE B 74 -40.13 -24.50 30.46
C ILE B 74 -40.10 -24.04 31.93
N VAL B 75 -41.17 -24.33 32.68
CA VAL B 75 -41.25 -24.11 34.13
C VAL B 75 -40.07 -24.83 34.80
N ASP B 76 -39.92 -26.13 34.56
CA ASP B 76 -38.79 -26.89 35.13
C ASP B 76 -37.41 -26.43 34.65
N PHE B 77 -37.27 -26.15 33.38
CA PHE B 77 -36.00 -25.63 32.90
C PHE B 77 -35.60 -24.35 33.64
N ALA B 78 -36.54 -23.47 33.91
CA ALA B 78 -36.20 -22.15 34.44
C ALA B 78 -35.64 -22.24 35.87
N LYS B 79 -36.09 -23.20 36.64
CA LYS B 79 -35.51 -23.47 37.96
C LYS B 79 -34.04 -23.89 37.90
N GLN B 80 -33.62 -24.40 36.74
CA GLN B 80 -32.26 -24.90 36.52
C GLN B 80 -31.35 -23.81 35.97
N VAL B 81 -31.93 -22.69 35.57
CA VAL B 81 -31.16 -21.56 35.06
C VAL B 81 -30.53 -20.83 36.23
N PRO B 82 -29.20 -20.83 36.31
CA PRO B 82 -28.52 -20.13 37.40
C PRO B 82 -28.97 -18.68 37.59
N GLY B 83 -29.38 -18.38 38.82
CA GLY B 83 -29.92 -17.09 39.16
C GLY B 83 -31.45 -17.02 39.22
N PHE B 84 -32.16 -17.90 38.55
CA PHE B 84 -33.60 -17.70 38.47
C PHE B 84 -34.22 -17.79 39.84
N LEU B 85 -33.70 -18.71 40.65
CA LEU B 85 -34.26 -18.98 41.99
C LEU B 85 -33.94 -17.90 43.04
N GLN B 86 -33.04 -17.00 42.73
CA GLN B 86 -32.73 -15.86 43.58
C GLN B 86 -33.78 -14.74 43.47
N LEU B 87 -34.57 -14.71 42.39
CA LEU B 87 -35.65 -13.72 42.29
C LEU B 87 -36.78 -14.16 43.19
N GLY B 88 -37.54 -13.19 43.68
CA GLY B 88 -38.78 -13.48 44.41
C GLY B 88 -39.75 -14.29 43.58
N ARG B 89 -40.62 -15.08 44.20
CA ARG B 89 -41.52 -15.93 43.44
C ARG B 89 -42.47 -15.16 42.52
N GLU B 90 -42.85 -13.95 42.90
CA GLU B 90 -43.77 -13.15 42.07
C GLU B 90 -43.11 -12.70 40.77
N ASP B 91 -41.80 -12.45 40.80
CA ASP B 91 -41.07 -12.10 39.58
C ASP B 91 -40.73 -13.33 38.68
N GLN B 92 -40.46 -14.50 39.27
CA GLN B 92 -40.31 -15.75 38.55
C GLN B 92 -41.57 -16.02 37.73
N ILE B 93 -42.72 -15.90 38.38
CA ILE B 93 -44.00 -16.05 37.75
C ILE B 93 -44.16 -15.04 36.59
N ALA B 94 -43.85 -13.77 36.85
CA ALA B 94 -44.02 -12.72 35.84
C ALA B 94 -43.12 -12.92 34.64
N LEU B 95 -41.87 -13.25 34.89
CA LEU B 95 -40.92 -13.57 33.83
C LEU B 95 -41.32 -14.78 32.99
N LEU B 96 -41.79 -15.84 33.63
CA LEU B 96 -42.28 -17.04 32.93
C LEU B 96 -43.58 -16.80 32.15
N LYS B 97 -44.50 -16.04 32.72
CA LYS B 97 -45.74 -15.68 32.02
C LYS B 97 -45.44 -15.10 30.65
N ALA B 98 -44.56 -14.08 30.63
CA ALA B 98 -44.23 -13.36 29.40
C ALA B 98 -43.33 -14.13 28.46
N SER B 99 -42.32 -14.84 28.96
CA SER B 99 -41.29 -15.45 28.12
C SER B 99 -41.61 -16.86 27.59
N THR B 100 -42.59 -17.54 28.19
CA THR B 100 -42.93 -18.89 27.81
C THR B 100 -43.23 -19.04 26.31
N ILE B 101 -44.16 -18.25 25.78
CA ILE B 101 -44.50 -18.28 24.36
C ILE B 101 -43.29 -17.98 23.50
N GLU B 102 -42.41 -17.10 23.97
CA GLU B 102 -41.21 -16.74 23.20
C GLU B 102 -40.23 -17.88 23.18
N ILE B 103 -40.14 -18.61 24.27
CA ILE B 103 -39.24 -19.75 24.35
C ILE B 103 -39.75 -20.92 23.47
N MET B 104 -41.08 -21.06 23.41
CA MET B 104 -41.71 -22.06 22.58
C MET B 104 -41.42 -21.77 21.13
N LEU B 105 -41.46 -20.49 20.75
CA LEU B 105 -41.21 -20.07 19.38
C LEU B 105 -39.75 -20.37 18.99
N LEU B 106 -38.83 -20.12 19.90
CA LEU B 106 -37.41 -20.43 19.67
C LEU B 106 -37.18 -21.95 19.53
N GLU B 107 -37.83 -22.72 20.39
CA GLU B 107 -37.72 -24.16 20.35
C GLU B 107 -38.38 -24.75 19.10
N THR B 108 -39.40 -24.08 18.57
CA THR B 108 -40.10 -24.45 17.36
C THR B 108 -39.24 -24.14 16.13
N ALA B 109 -38.64 -22.95 16.09
CA ALA B 109 -37.70 -22.60 15.02
C ALA B 109 -36.53 -23.60 14.94
N ARG B 110 -36.03 -24.00 16.08
CA ARG B 110 -34.92 -24.97 16.18
C ARG B 110 -35.27 -26.35 15.61
N ARG B 111 -36.57 -26.64 15.47
CA ARG B 111 -37.08 -27.91 14.99
C ARG B 111 -37.70 -27.80 13.60
N TYR B 112 -37.64 -26.62 12.98
CA TYR B 112 -38.04 -26.44 11.59
C TYR B 112 -36.98 -27.06 10.65
N ASN B 113 -37.43 -27.75 9.62
CA ASN B 113 -36.55 -28.35 8.63
C ASN B 113 -36.81 -27.57 7.38
N HIS B 114 -35.81 -26.80 6.95
CA HIS B 114 -35.98 -25.96 5.78
C HIS B 114 -36.15 -26.76 4.50
N GLU B 115 -35.59 -27.96 4.44
CA GLU B 115 -35.72 -28.81 3.25
C GLU B 115 -37.16 -29.29 3.02
N THR B 116 -37.78 -29.84 4.07
CA THR B 116 -39.15 -30.34 3.98
C THR B 116 -40.20 -29.24 4.17
N GLU B 117 -39.79 -28.08 4.68
CA GLU B 117 -40.71 -27.08 5.24
C GLU B 117 -41.63 -27.71 6.28
N CYS B 118 -41.09 -28.58 7.13
CA CYS B 118 -41.85 -29.21 8.23
C CYS B 118 -41.19 -29.02 9.60
N ILE B 119 -42.01 -29.04 10.66
CA ILE B 119 -41.52 -28.93 12.04
C ILE B 119 -41.70 -30.27 12.72
N THR B 120 -40.70 -30.67 13.52
CA THR B 120 -40.70 -31.92 14.27
C THR B 120 -40.69 -31.69 15.80
N PHE B 121 -41.84 -31.93 16.44
CA PHE B 121 -41.97 -31.86 17.88
C PHE B 121 -41.72 -33.20 18.55
N LEU B 122 -41.44 -33.15 19.85
CA LEU B 122 -41.23 -34.35 20.67
C LEU B 122 -40.10 -35.15 20.07
N LYS B 123 -40.36 -36.40 19.66
CA LYS B 123 -39.34 -37.22 19.05
C LYS B 123 -39.51 -37.36 17.52
N ASP B 124 -40.74 -37.57 17.04
CA ASP B 124 -41.07 -38.05 15.69
C ASP B 124 -42.29 -37.39 15.06
N PHE B 125 -42.87 -36.42 15.74
CA PHE B 125 -44.16 -35.90 15.34
C PHE B 125 -43.84 -34.74 14.42
N THR B 126 -44.11 -34.90 13.14
CA THR B 126 -43.72 -33.89 12.17
C THR B 126 -44.91 -33.36 11.36
N TYR B 127 -44.92 -32.04 11.17
CA TYR B 127 -46.07 -31.27 10.77
C TYR B 127 -45.73 -30.28 9.65
N SER B 128 -46.55 -30.27 8.61
CA SER B 128 -46.43 -29.29 7.55
C SER B 128 -47.23 -28.03 7.89
N LYS B 129 -47.00 -26.97 7.11
CA LYS B 129 -47.80 -25.76 7.20
C LYS B 129 -49.29 -26.11 7.27
N ASP B 130 -49.76 -26.87 6.29
CA ASP B 130 -51.17 -27.19 6.19
C ASP B 130 -51.72 -27.98 7.40
N ASP B 131 -50.86 -28.70 8.11
CA ASP B 131 -51.29 -29.38 9.34
C ASP B 131 -51.78 -28.41 10.41
N PHE B 132 -51.09 -27.28 10.54
CA PHE B 132 -51.49 -26.24 11.50
C PHE B 132 -52.77 -25.54 11.04
N HIS B 133 -52.87 -25.32 9.73
CA HIS B 133 -54.05 -24.76 9.11
C HIS B 133 -55.27 -25.66 9.37
N ARG B 134 -55.03 -26.96 9.44
CA ARG B 134 -56.11 -27.94 9.56
C ARG B 134 -56.64 -28.05 10.99
N ALA B 135 -55.85 -27.59 11.96
CA ALA B 135 -56.25 -27.51 13.35
C ALA B 135 -57.00 -26.22 13.68
N GLY B 136 -57.18 -25.34 12.68
CA GLY B 136 -58.00 -24.16 12.84
C GLY B 136 -57.23 -22.90 13.20
N LEU B 137 -55.91 -22.96 13.10
CA LEU B 137 -55.10 -21.79 13.38
C LEU B 137 -55.18 -20.83 12.19
N GLN B 138 -55.20 -19.53 12.49
CA GLN B 138 -55.36 -18.53 11.44
C GLN B 138 -54.04 -18.26 10.70
N VAL B 139 -54.14 -17.82 9.44
CA VAL B 139 -52.98 -17.55 8.58
C VAL B 139 -52.08 -16.49 9.20
N GLU B 140 -52.68 -15.52 9.87
CA GLU B 140 -51.94 -14.46 10.55
C GLU B 140 -51.00 -15.01 11.62
N PHE B 141 -51.34 -16.16 12.20
CA PHE B 141 -50.52 -16.85 13.20
C PHE B 141 -49.47 -17.73 12.51
N ILE B 142 -49.91 -18.54 11.55
CA ILE B 142 -49.06 -19.58 10.98
C ILE B 142 -47.90 -18.96 10.23
N ASN B 143 -48.20 -18.04 9.34
CA ASN B 143 -47.21 -17.55 8.36
C ASN B 143 -45.98 -16.86 9.01
N PRO B 144 -46.19 -15.95 9.94
CA PRO B 144 -45.07 -15.32 10.64
C PRO B 144 -44.20 -16.30 11.43
N ILE B 145 -44.80 -17.36 11.97
CA ILE B 145 -44.03 -18.33 12.73
C ILE B 145 -43.09 -19.09 11.79
N PHE B 146 -43.54 -19.34 10.56
CA PHE B 146 -42.72 -20.03 9.57
C PHE B 146 -41.66 -19.11 8.99
N GLU B 147 -42.00 -17.86 8.71
CA GLU B 147 -40.99 -16.86 8.38
C GLU B 147 -39.89 -16.80 9.45
N PHE B 148 -40.27 -16.68 10.71
CA PHE B 148 -39.30 -16.59 11.79
C PHE B 148 -38.40 -17.83 11.85
N SER B 149 -39.00 -19.00 11.67
CA SER B 149 -38.26 -20.25 11.76
C SER B 149 -37.17 -20.31 10.69
N ARG B 150 -37.49 -19.88 9.46
CA ARG B 150 -36.48 -19.98 8.40
C ARG B 150 -35.42 -18.91 8.57
N ALA B 151 -35.78 -17.80 9.23
CA ALA B 151 -34.77 -16.78 9.57
C ALA B 151 -33.81 -17.31 10.62
N MET B 152 -34.35 -17.98 11.65
CA MET B 152 -33.55 -18.62 12.67
C MET B 152 -32.59 -19.65 12.08
N ARG B 153 -33.02 -20.36 11.05
CA ARG B 153 -32.16 -21.38 10.45
C ARG B 153 -30.94 -20.78 9.77
N ARG B 154 -31.09 -19.61 9.13
CA ARG B 154 -29.95 -18.97 8.46
C ARG B 154 -28.77 -18.62 9.38
N LEU B 155 -29.07 -18.44 10.65
CA LEU B 155 -28.06 -18.18 11.66
C LEU B 155 -27.33 -19.44 12.06
N GLY B 156 -27.94 -20.59 11.88
CA GLY B 156 -27.30 -21.85 12.20
C GLY B 156 -26.79 -21.94 13.63
N LEU B 157 -27.64 -21.60 14.60
CA LEU B 157 -27.24 -21.64 15.99
C LEU B 157 -27.02 -23.08 16.45
N ASP B 158 -25.98 -23.29 17.22
CA ASP B 158 -25.78 -24.58 17.86
C ASP B 158 -26.54 -24.64 19.22
N ASP B 159 -26.28 -25.69 20.00
CA ASP B 159 -26.91 -25.90 21.31
C ASP B 159 -26.59 -24.83 22.34
N ALA B 160 -25.31 -24.44 22.44
CA ALA B 160 -24.88 -23.43 23.41
C ALA B 160 -25.51 -22.07 23.09
N GLU B 161 -25.63 -21.75 21.80
CA GLU B 161 -26.24 -20.50 21.40
C GLU B 161 -27.75 -20.42 21.65
N TYR B 162 -28.52 -21.46 21.29
CA TYR B 162 -29.96 -21.53 21.63
C TYR B 162 -30.16 -21.42 23.16
N ALA B 163 -29.35 -22.12 23.94
CA ALA B 163 -29.59 -22.15 25.37
C ALA B 163 -29.35 -20.79 25.98
N LEU B 164 -28.28 -20.13 25.57
CA LEU B 164 -27.96 -18.81 26.09
C LEU B 164 -29.00 -17.81 25.69
N LEU B 165 -29.45 -17.88 24.43
CA LEU B 165 -30.52 -16.97 23.97
C LEU B 165 -31.77 -17.11 24.81
N ILE B 166 -32.10 -18.33 25.15
CA ILE B 166 -33.26 -18.62 25.98
C ILE B 166 -33.06 -17.98 27.38
N ALA B 167 -31.94 -18.23 28.03
CA ALA B 167 -31.66 -17.60 29.34
C ALA B 167 -31.73 -16.08 29.28
N ILE B 168 -31.22 -15.49 28.19
CA ILE B 168 -31.29 -14.05 28.01
C ILE B 168 -32.76 -13.62 27.90
N ASN B 169 -33.57 -14.41 27.22
CA ASN B 169 -34.99 -14.14 27.04
C ASN B 169 -35.76 -14.17 28.37
N ILE B 170 -35.46 -15.15 29.20
CA ILE B 170 -36.03 -15.24 30.55
C ILE B 170 -35.75 -14.02 31.39
N PHE B 171 -34.51 -13.52 31.37
CA PHE B 171 -34.15 -12.36 32.19
C PHE B 171 -34.29 -11.04 31.46
N SER B 172 -35.47 -10.81 30.87
CA SER B 172 -35.84 -9.51 30.30
C SER B 172 -36.54 -8.65 31.31
N ALA B 173 -35.98 -7.50 31.63
CA ALA B 173 -36.45 -6.64 32.74
C ALA B 173 -37.62 -5.74 32.39
N ASP B 174 -37.99 -5.70 31.11
CA ASP B 174 -39.13 -4.90 30.72
C ASP B 174 -40.46 -5.68 30.68
N ARG B 175 -40.54 -6.84 31.32
CA ARG B 175 -41.80 -7.60 31.33
C ARG B 175 -42.78 -6.92 32.27
N PRO B 176 -44.08 -7.07 32.05
CA PRO B 176 -45.06 -6.49 32.99
C PRO B 176 -45.03 -7.15 34.39
N ASN B 177 -45.35 -6.34 35.39
CA ASN B 177 -45.46 -6.71 36.78
C ASN B 177 -44.16 -7.17 37.43
N VAL B 178 -43.01 -6.88 36.84
CA VAL B 178 -41.75 -7.23 37.49
C VAL B 178 -41.47 -6.18 38.59
N GLN B 179 -41.17 -6.66 39.81
CA GLN B 179 -40.91 -5.79 40.96
C GLN B 179 -39.46 -5.41 41.16
N GLU B 180 -38.53 -6.24 40.68
CA GLU B 180 -37.10 -5.91 40.74
C GLU B 180 -36.46 -5.95 39.35
N PRO B 181 -36.89 -5.06 38.45
CA PRO B 181 -36.36 -5.04 37.08
C PRO B 181 -34.85 -4.85 36.99
N GLY B 182 -34.25 -4.05 37.86
CA GLY B 182 -32.79 -3.86 37.87
C GLY B 182 -32.07 -5.15 38.21
N ARG B 183 -32.64 -5.86 39.15
CA ARG B 183 -32.15 -7.16 39.53
C ARG B 183 -32.23 -8.18 38.41
N VAL B 184 -33.31 -8.15 37.64
CA VAL B 184 -33.45 -9.04 36.50
C VAL B 184 -32.41 -8.70 35.44
N GLU B 185 -32.11 -7.42 35.26
CA GLU B 185 -31.14 -7.01 34.25
C GLU B 185 -29.75 -7.42 34.67
N ALA B 186 -29.46 -7.35 35.95
CA ALA B 186 -28.15 -7.77 36.43
C ALA B 186 -27.98 -9.29 36.32
N LEU B 187 -29.07 -10.08 36.46
CA LEU B 187 -28.95 -11.55 36.24
C LEU B 187 -28.84 -11.91 34.77
N GLN B 188 -29.31 -11.03 33.89
CA GLN B 188 -29.26 -11.25 32.47
C GLN B 188 -27.84 -11.05 31.91
N GLN B 189 -27.11 -10.12 32.51
CA GLN B 189 -25.86 -9.66 31.93
C GLN B 189 -24.80 -10.76 31.71
N PRO B 190 -24.59 -11.63 32.68
CA PRO B 190 -23.65 -12.74 32.52
C PRO B 190 -23.93 -13.65 31.30
N TYR B 191 -25.21 -13.88 31.00
CA TYR B 191 -25.66 -14.60 29.81
C TYR B 191 -25.39 -13.87 28.50
N VAL B 192 -25.59 -12.55 28.49
CA VAL B 192 -25.23 -11.73 27.32
C VAL B 192 -23.72 -11.80 27.09
N GLU B 193 -22.96 -11.71 28.18
CA GLU B 193 -21.49 -11.75 28.15
C GLU B 193 -20.97 -13.08 27.61
N ALA B 194 -21.55 -14.17 28.12
CA ALA B 194 -21.16 -15.52 27.67
C ALA B 194 -21.54 -15.73 26.21
N LEU B 195 -22.69 -15.22 25.79
CA LEU B 195 -23.05 -15.34 24.39
C LEU B 195 -22.10 -14.51 23.52
N LEU B 196 -21.68 -13.34 24.00
CA LEU B 196 -20.76 -12.50 23.22
C LEU B 196 -19.39 -13.19 23.07
N SER B 197 -18.84 -13.64 24.19
CA SER B 197 -17.56 -14.35 24.18
C SER B 197 -17.60 -15.64 23.35
N TYR B 198 -18.69 -16.40 23.46
CA TYR B 198 -18.85 -17.65 22.72
C TYR B 198 -18.91 -17.42 21.21
N THR B 199 -19.73 -16.48 20.72
CA THR B 199 -19.86 -16.21 19.28
C THR B 199 -18.56 -15.70 18.70
N ARG B 200 -17.81 -14.92 19.49
CA ARG B 200 -16.49 -14.42 19.11
C ARG B 200 -15.50 -15.54 18.84
N ILE B 201 -15.57 -16.57 19.69
CA ILE B 201 -14.66 -17.69 19.63
C ILE B 201 -15.07 -18.70 18.56
N LYS B 202 -16.37 -18.88 18.34
CA LYS B 202 -16.87 -19.89 17.40
C LYS B 202 -16.80 -19.44 15.95
N ARG B 203 -17.31 -18.25 15.66
CA ARG B 203 -17.20 -17.65 14.33
C ARG B 203 -16.52 -16.31 14.46
N PRO B 204 -15.19 -16.30 14.57
CA PRO B 204 -14.45 -15.06 14.80
C PRO B 204 -14.46 -14.11 13.62
N GLN B 205 -14.92 -14.55 12.45
CA GLN B 205 -14.92 -13.70 11.25
C GLN B 205 -16.33 -13.34 10.76
N ASP B 206 -17.36 -13.73 11.51
CA ASP B 206 -18.71 -13.16 11.32
C ASP B 206 -19.10 -12.36 12.53
N GLN B 207 -18.74 -11.07 12.52
CA GLN B 207 -18.97 -10.23 13.69
C GLN B 207 -20.41 -9.77 13.84
N LEU B 208 -21.24 -9.95 12.82
CA LEU B 208 -22.64 -9.56 12.90
C LEU B 208 -23.58 -10.64 13.38
N ARG B 209 -23.05 -11.82 13.66
CA ARG B 209 -23.82 -12.93 14.18
C ARG B 209 -24.44 -12.65 15.53
N PHE B 210 -23.63 -12.18 16.45
CA PHE B 210 -24.11 -11.83 17.78
C PHE B 210 -25.30 -10.82 17.74
N PRO B 211 -25.14 -9.62 17.17
CA PRO B 211 -26.26 -8.69 17.04
C PRO B 211 -27.45 -9.24 16.21
N ARG B 212 -27.21 -10.09 15.21
CA ARG B 212 -28.30 -10.75 14.51
C ARG B 212 -29.12 -11.67 15.44
N MET B 213 -28.45 -12.39 16.35
CA MET B 213 -29.16 -13.22 17.32
C MET B 213 -30.03 -12.41 18.24
N LEU B 214 -29.47 -11.33 18.79
CA LEU B 214 -30.26 -10.45 19.65
C LEU B 214 -31.39 -9.77 18.87
N MET B 215 -31.23 -9.56 17.57
CA MET B 215 -32.33 -8.96 16.80
C MET B 215 -33.53 -9.90 16.83
N LYS B 216 -33.26 -11.21 16.97
CA LYS B 216 -34.31 -12.21 17.02
C LYS B 216 -35.14 -12.07 18.28
N LEU B 217 -34.54 -11.58 19.36
CA LEU B 217 -35.31 -11.22 20.54
C LEU B 217 -36.37 -10.15 20.24
N VAL B 218 -36.02 -9.25 19.35
CA VAL B 218 -36.94 -8.22 18.88
C VAL B 218 -38.10 -8.83 18.15
N SER B 219 -37.83 -9.69 17.17
CA SER B 219 -38.87 -10.35 16.39
C SER B 219 -39.82 -11.12 17.29
N LEU B 220 -39.28 -11.78 18.33
CA LEU B 220 -40.09 -12.57 19.24
C LEU B 220 -41.13 -11.75 20.00
N ARG B 221 -40.85 -10.48 20.28
CA ARG B 221 -41.87 -9.60 20.86
C ARG B 221 -43.06 -9.40 19.98
N THR B 222 -42.81 -9.17 18.70
CA THR B 222 -43.92 -9.06 17.76
C THR B 222 -44.71 -10.38 17.72
N LEU B 223 -44.02 -11.51 17.66
CA LEU B 223 -44.70 -12.80 17.54
C LEU B 223 -45.56 -13.07 18.77
N SER B 224 -45.07 -12.67 19.92
CA SER B 224 -45.84 -12.79 21.13
C SER B 224 -47.17 -12.02 21.01
N SER B 225 -47.13 -10.85 20.40
CA SER B 225 -48.33 -10.10 20.14
C SER B 225 -49.28 -10.83 19.21
N VAL B 226 -48.72 -11.43 18.16
CA VAL B 226 -49.49 -12.20 17.18
C VAL B 226 -50.20 -13.32 17.90
N HIS B 227 -49.49 -13.94 18.86
CA HIS B 227 -50.02 -15.06 19.63
C HIS B 227 -51.20 -14.64 20.49
N SER B 228 -51.12 -13.46 21.12
CA SER B 228 -52.24 -12.88 21.87
C SER B 228 -53.49 -12.72 21.02
N GLU B 229 -53.34 -12.25 19.78
CA GLU B 229 -54.46 -12.13 18.83
C GLU B 229 -55.06 -13.48 18.41
N GLN B 230 -54.21 -14.51 18.33
CA GLN B 230 -54.68 -15.84 18.00
C GLN B 230 -55.52 -16.33 19.18
N VAL B 231 -55.02 -16.21 20.42
CA VAL B 231 -55.81 -16.68 21.56
C VAL B 231 -57.09 -15.85 21.70
N PHE B 232 -57.03 -14.60 21.28
CA PHE B 232 -58.18 -13.72 21.35
C PHE B 232 -59.24 -14.16 20.32
N ALA B 233 -58.79 -14.55 19.12
CA ALA B 233 -59.64 -15.14 18.12
C ALA B 233 -60.26 -16.46 18.58
N LEU B 234 -59.58 -17.16 19.48
CA LEU B 234 -60.13 -18.39 20.06
C LEU B 234 -61.33 -18.09 20.98
N ARG B 235 -61.22 -17.03 21.78
CA ARG B 235 -62.32 -16.59 22.65
C ARG B 235 -63.55 -16.23 21.81
N LEU B 236 -63.33 -15.56 20.67
CA LEU B 236 -64.42 -15.18 19.76
C LEU B 236 -65.04 -16.37 19.03
N GLN B 237 -64.31 -17.48 18.92
CA GLN B 237 -64.81 -18.71 18.28
C GLN B 237 -65.34 -19.72 19.28
N ASP B 238 -65.24 -19.42 20.58
CA ASP B 238 -65.70 -20.32 21.62
C ASP B 238 -64.88 -21.61 21.72
N LYS B 239 -63.60 -21.49 21.39
CA LYS B 239 -62.62 -22.56 21.57
C LYS B 239 -61.84 -22.22 22.84
N LYS B 240 -61.99 -23.05 23.86
CA LYS B 240 -61.32 -22.82 25.14
C LYS B 240 -60.00 -23.59 25.16
N LEU B 241 -59.02 -23.00 25.84
CA LEU B 241 -57.74 -23.65 26.09
C LEU B 241 -57.82 -24.51 27.34
N PRO B 242 -56.93 -25.49 27.45
CA PRO B 242 -56.86 -26.31 28.66
C PRO B 242 -56.33 -25.47 29.84
N PRO B 243 -56.75 -25.78 31.07
CA PRO B 243 -56.34 -25.06 32.28
C PRO B 243 -54.88 -24.55 32.40
N LEU B 244 -53.86 -25.36 32.18
CA LEU B 244 -52.50 -24.84 32.29
C LEU B 244 -52.23 -23.72 31.26
N LEU B 245 -52.75 -23.88 30.04
CA LEU B 245 -52.54 -22.86 29.00
C LEU B 245 -53.38 -21.63 29.27
N SER B 246 -54.63 -21.84 29.67
CA SER B 246 -55.53 -20.75 30.01
C SER B 246 -54.95 -19.89 31.13
N GLU B 247 -54.40 -20.55 32.13
CA GLU B 247 -53.72 -19.92 33.26
C GLU B 247 -52.58 -18.91 32.87
N ILE B 248 -51.84 -19.18 31.79
CA ILE B 248 -50.72 -18.32 31.39
C ILE B 248 -51.10 -17.26 30.36
N TRP B 249 -52.11 -17.54 29.54
CA TRP B 249 -52.34 -16.72 28.34
C TRP B 249 -53.69 -16.03 28.22
N ASP B 250 -54.72 -16.53 28.91
CA ASP B 250 -56.03 -15.86 28.88
C ASP B 250 -56.11 -14.76 29.91
N VAL B 251 -56.71 -13.64 29.48
CA VAL B 251 -56.91 -12.49 30.36
C VAL B 251 -58.00 -12.86 31.39
N HIS B 252 -59.15 -13.30 30.90
CA HIS B 252 -60.23 -13.81 31.74
C HIS B 252 -60.64 -12.81 32.83
N LEU C 12 70.08 1.15 -15.64
CA LEU C 12 69.85 1.71 -17.00
C LEU C 12 71.01 1.31 -17.89
N THR C 13 70.70 0.65 -19.01
CA THR C 13 71.72 0.28 -19.99
C THR C 13 72.21 1.54 -20.68
N ALA C 14 73.35 1.44 -21.35
CA ALA C 14 73.94 2.57 -22.04
C ALA C 14 73.06 3.07 -23.19
N ALA C 15 72.35 2.15 -23.85
CA ALA C 15 71.39 2.52 -24.89
C ALA C 15 70.18 3.30 -24.32
N GLN C 16 69.73 2.94 -23.13
CA GLN C 16 68.67 3.69 -22.45
C GLN C 16 69.15 5.08 -22.04
N GLU C 17 70.34 5.17 -21.48
CA GLU C 17 70.91 6.46 -21.09
C GLU C 17 71.11 7.39 -22.29
N LEU C 18 71.56 6.80 -23.40
CA LEU C 18 71.74 7.50 -24.66
C LEU C 18 70.41 8.10 -25.11
N MET C 19 69.37 7.30 -25.09
CA MET C 19 68.08 7.75 -25.60
C MET C 19 67.44 8.81 -24.68
N ILE C 20 67.55 8.63 -23.37
CA ILE C 20 67.04 9.61 -22.40
C ILE C 20 67.78 10.95 -22.45
N GLN C 21 69.12 10.91 -22.44
CA GLN C 21 69.96 12.09 -22.58
C GLN C 21 69.71 12.78 -23.94
N GLN C 22 69.43 12.01 -24.99
CA GLN C 22 68.99 12.59 -26.26
C GLN C 22 67.76 13.47 -26.12
N LEU C 23 66.73 12.95 -25.44
CA LEU C 23 65.45 13.62 -25.24
C LEU C 23 65.64 14.89 -24.45
N VAL C 24 66.47 14.82 -23.42
CA VAL C 24 66.64 15.91 -22.47
C VAL C 24 67.40 17.02 -23.15
N ALA C 25 68.33 16.64 -24.02
CA ALA C 25 69.22 17.60 -24.64
C ALA C 25 68.50 18.31 -25.77
N ALA C 26 67.63 17.58 -26.47
CA ALA C 26 66.75 18.18 -27.48
C ALA C 26 65.77 19.16 -26.85
N GLN C 27 65.23 18.81 -25.68
CA GLN C 27 64.29 19.65 -24.97
C GLN C 27 64.96 20.96 -24.58
N LEU C 28 66.13 20.86 -23.97
CA LEU C 28 66.91 22.02 -23.60
C LEU C 28 67.27 22.88 -24.80
N GLN C 29 67.59 22.24 -25.92
CA GLN C 29 68.04 22.96 -27.12
C GLN C 29 66.87 23.68 -27.78
N CYS C 30 65.69 23.06 -27.72
CA CYS C 30 64.49 23.58 -28.35
C CYS C 30 63.95 24.75 -27.57
N ASN C 31 63.98 24.66 -26.25
CA ASN C 31 63.50 25.73 -25.37
C ASN C 31 64.57 26.85 -25.18
N LYS C 32 65.83 26.54 -25.44
CA LYS C 32 66.91 27.54 -25.50
C LYS C 32 66.75 28.37 -26.78
N ARG C 33 66.11 27.77 -27.79
CA ARG C 33 65.85 28.42 -29.08
C ARG C 33 64.79 29.53 -29.02
N SER C 34 64.12 29.67 -27.87
CA SER C 34 63.09 30.70 -27.66
C SER C 34 63.44 31.75 -26.60
N PHE C 35 64.57 31.58 -25.91
CA PHE C 35 65.15 32.65 -25.09
C PHE C 35 65.49 33.84 -26.00
N SER C 36 65.93 33.53 -27.22
CA SER C 36 66.34 34.55 -28.21
C SER C 36 65.17 35.20 -28.95
N ASP C 37 64.03 34.50 -29.02
CA ASP C 37 62.82 35.02 -29.67
C ASP C 37 61.93 35.87 -28.73
N GLN C 38 62.42 36.18 -27.53
CA GLN C 38 61.70 37.00 -26.55
C GLN C 38 61.49 38.47 -26.96
N PRO C 39 62.53 39.12 -27.48
CA PRO C 39 62.44 40.57 -27.80
C PRO C 39 61.49 40.93 -28.97
N LYS C 40 61.07 39.95 -29.77
CA LYS C 40 60.15 40.19 -30.89
C LYS C 40 58.82 39.49 -30.68
N VAL C 41 58.16 39.84 -29.60
CA VAL C 41 56.78 39.42 -29.31
C VAL C 41 55.98 40.67 -28.93
N THR C 42 54.66 40.63 -29.08
CA THR C 42 53.81 41.72 -28.60
C THR C 42 54.09 41.93 -27.12
N PRO C 43 54.59 43.11 -26.73
CA PRO C 43 54.87 43.40 -25.31
C PRO C 43 53.62 43.33 -24.43
N TRP C 44 53.65 42.51 -23.39
CA TRP C 44 52.48 42.26 -22.54
C TRP C 44 51.59 43.49 -22.34
N ARG C 56 42.90 43.19 -23.24
CA ARG C 56 42.24 41.92 -23.48
C ARG C 56 42.69 41.31 -24.80
N GLN C 57 42.58 42.07 -25.87
CA GLN C 57 42.93 41.60 -27.22
C GLN C 57 44.42 41.78 -27.54
N GLN C 58 45.05 42.76 -26.87
CA GLN C 58 46.49 42.96 -26.98
C GLN C 58 47.25 41.84 -26.29
N ARG C 59 46.65 41.29 -25.24
CA ARG C 59 47.20 40.17 -24.49
C ARG C 59 46.84 38.84 -25.14
N PHE C 60 45.76 38.83 -25.90
CA PHE C 60 45.41 37.66 -26.71
C PHE C 60 46.36 37.54 -27.90
N ALA C 61 46.88 38.67 -28.37
CA ALA C 61 47.93 38.68 -29.39
C ALA C 61 49.23 38.18 -28.78
N HIS C 62 49.39 38.40 -27.49
CA HIS C 62 50.57 37.97 -26.77
C HIS C 62 50.55 36.46 -26.48
N PHE C 63 49.47 35.99 -25.87
CA PHE C 63 49.30 34.56 -25.51
C PHE C 63 49.31 33.66 -26.75
N THR C 64 48.75 34.18 -27.85
CA THR C 64 48.62 33.42 -29.09
C THR C 64 49.96 33.27 -29.82
N GLU C 65 50.79 34.31 -29.77
CA GLU C 65 52.11 34.29 -30.39
C GLU C 65 53.04 33.33 -29.65
N LEU C 66 52.84 33.22 -28.33
CA LEU C 66 53.56 32.26 -27.50
C LEU C 66 53.17 30.82 -27.81
N ALA C 67 51.90 30.62 -28.17
CA ALA C 67 51.40 29.29 -28.53
C ALA C 67 51.95 28.84 -29.90
N ILE C 68 52.16 29.79 -30.81
CA ILE C 68 52.77 29.53 -32.10
C ILE C 68 54.27 29.16 -31.93
N ILE C 69 54.94 29.80 -30.97
CA ILE C 69 56.36 29.53 -30.68
C ILE C 69 56.52 28.15 -30.08
N SER C 70 55.56 27.77 -29.25
CA SER C 70 55.50 26.46 -28.62
C SER C 70 55.26 25.34 -29.65
N VAL C 71 54.43 25.62 -30.66
CA VAL C 71 54.21 24.66 -31.76
C VAL C 71 55.46 24.43 -32.61
N GLN C 72 56.27 25.49 -32.81
CA GLN C 72 57.53 25.37 -33.54
C GLN C 72 58.51 24.50 -32.76
N GLU C 73 58.71 24.81 -31.48
CA GLU C 73 59.56 24.01 -30.59
C GLU C 73 59.15 22.54 -30.57
N ILE C 74 57.85 22.29 -30.50
CA ILE C 74 57.34 20.92 -30.43
C ILE C 74 57.62 20.14 -31.74
N VAL C 75 57.49 20.79 -32.89
CA VAL C 75 57.81 20.12 -34.14
C VAL C 75 59.32 19.85 -34.19
N ASP C 76 60.13 20.84 -33.79
CA ASP C 76 61.57 20.66 -33.83
C ASP C 76 62.00 19.55 -32.89
N PHE C 77 61.42 19.54 -31.69
CA PHE C 77 61.66 18.47 -30.72
C PHE C 77 61.27 17.09 -31.27
N ALA C 78 60.12 16.98 -31.92
CA ALA C 78 59.65 15.66 -32.38
C ALA C 78 60.58 15.05 -33.43
N LYS C 79 61.17 15.89 -34.26
CA LYS C 79 62.06 15.39 -35.31
C LYS C 79 63.37 14.82 -34.73
N GLN C 80 63.73 15.27 -33.53
CA GLN C 80 64.90 14.79 -32.80
C GLN C 80 64.62 13.60 -31.87
N VAL C 81 63.34 13.20 -31.72
CA VAL C 81 63.00 11.99 -30.96
C VAL C 81 63.34 10.78 -31.80
N PRO C 82 64.32 9.97 -31.37
CA PRO C 82 64.67 8.73 -32.08
C PRO C 82 63.46 7.81 -32.38
N GLY C 83 63.34 7.42 -33.64
CA GLY C 83 62.19 6.66 -34.11
C GLY C 83 61.23 7.48 -34.95
N PHE C 84 61.16 8.79 -34.69
CA PHE C 84 60.18 9.65 -35.34
C PHE C 84 60.38 9.71 -36.84
N LEU C 85 61.64 9.77 -37.25
CA LEU C 85 61.92 9.88 -38.68
C LEU C 85 61.98 8.52 -39.39
N GLN C 86 61.63 7.44 -38.69
CA GLN C 86 61.46 6.09 -39.25
C GLN C 86 60.04 5.91 -39.83
N LEU C 87 59.09 6.66 -39.27
CA LEU C 87 57.72 6.67 -39.74
C LEU C 87 57.63 7.36 -41.08
N GLY C 88 56.60 7.02 -41.83
CA GLY C 88 56.27 7.70 -43.07
C GLY C 88 55.83 9.12 -42.76
N ARG C 89 56.01 9.99 -43.74
CA ARG C 89 55.69 11.40 -43.56
C ARG C 89 54.26 11.61 -43.10
N GLU C 90 53.35 10.76 -43.56
CA GLU C 90 51.91 10.90 -43.27
C GLU C 90 51.65 10.61 -41.78
N ASP C 91 52.29 9.58 -41.23
CA ASP C 91 52.18 9.28 -39.80
C ASP C 91 52.88 10.32 -38.93
N GLN C 92 53.94 10.94 -39.44
CA GLN C 92 54.64 12.00 -38.73
C GLN C 92 53.68 13.16 -38.51
N ILE C 93 53.01 13.57 -39.59
CA ILE C 93 52.05 14.67 -39.55
C ILE C 93 50.88 14.33 -38.65
N ALA C 94 50.32 13.14 -38.77
CA ALA C 94 49.19 12.71 -37.92
C ALA C 94 49.55 12.61 -36.43
N LEU C 95 50.75 12.16 -36.13
CA LEU C 95 51.16 12.02 -34.74
C LEU C 95 51.30 13.40 -34.12
N LEU C 96 51.92 14.32 -34.85
CA LEU C 96 52.12 15.69 -34.38
C LEU C 96 50.84 16.47 -34.21
N LYS C 97 49.92 16.31 -35.14
CA LYS C 97 48.62 16.98 -35.11
C LYS C 97 47.77 16.55 -33.89
N ALA C 98 47.74 15.26 -33.59
CA ALA C 98 46.96 14.78 -32.46
C ALA C 98 47.66 15.05 -31.13
N SER C 99 48.93 15.36 -31.19
CA SER C 99 49.78 15.36 -30.01
C SER C 99 50.24 16.73 -29.59
N THR C 100 50.23 17.69 -30.52
CA THR C 100 50.82 18.99 -30.28
C THR C 100 50.17 19.63 -29.03
N ILE C 101 48.85 19.59 -28.95
CA ILE C 101 48.16 20.24 -27.84
C ILE C 101 48.46 19.53 -26.53
N GLU C 102 48.56 18.21 -26.56
CA GLU C 102 48.79 17.43 -25.36
C GLU C 102 50.16 17.72 -24.80
N ILE C 103 51.12 17.90 -25.69
CA ILE C 103 52.49 18.25 -25.29
C ILE C 103 52.59 19.68 -24.76
N MET C 104 51.74 20.58 -25.26
CA MET C 104 51.72 21.99 -24.85
C MET C 104 51.28 22.12 -23.40
N LEU C 105 50.29 21.31 -23.01
CA LEU C 105 49.80 21.21 -21.64
C LEU C 105 50.79 20.55 -20.68
N LEU C 106 51.50 19.53 -21.15
CA LEU C 106 52.55 18.89 -20.35
C LEU C 106 53.65 19.91 -20.07
N GLU C 107 54.02 20.64 -21.11
CA GLU C 107 55.09 21.61 -21.00
C GLU C 107 54.66 22.80 -20.15
N THR C 108 53.36 23.04 -20.08
CA THR C 108 52.80 24.07 -19.21
C THR C 108 52.87 23.64 -17.75
N ALA C 109 52.55 22.37 -17.48
CA ALA C 109 52.63 21.81 -16.14
C ALA C 109 54.05 21.90 -15.61
N ARG C 110 54.99 21.58 -16.49
CA ARG C 110 56.42 21.58 -16.21
C ARG C 110 56.95 22.93 -15.71
N ARG C 111 56.34 24.02 -16.20
CA ARG C 111 56.77 25.38 -15.91
C ARG C 111 55.87 26.07 -14.90
N TYR C 112 54.92 25.31 -14.36
CA TYR C 112 54.08 25.78 -13.28
C TYR C 112 54.86 25.69 -11.97
N ASN C 113 55.12 26.85 -11.39
CA ASN C 113 55.78 26.91 -10.09
C ASN C 113 54.66 26.97 -9.06
N HIS C 114 54.56 25.94 -8.22
CA HIS C 114 53.39 25.83 -7.33
C HIS C 114 53.48 26.73 -6.08
N GLU C 115 54.65 27.29 -5.80
CA GLU C 115 54.79 28.26 -4.70
C GLU C 115 54.06 29.57 -5.00
N THR C 116 54.13 30.02 -6.26
CA THR C 116 53.55 31.30 -6.67
C THR C 116 52.17 31.13 -7.29
N GLU C 117 51.92 29.92 -7.82
CA GLU C 117 50.72 29.61 -8.63
C GLU C 117 50.71 30.51 -9.91
N CYS C 118 51.93 30.46 -10.55
CA CYS C 118 52.24 31.13 -11.83
C CYS C 118 53.03 30.25 -12.80
N ILE C 119 52.70 30.37 -14.08
CA ILE C 119 53.39 29.65 -15.16
C ILE C 119 54.38 30.60 -15.82
N THR C 120 55.62 30.16 -15.98
CA THR C 120 56.61 30.91 -16.73
C THR C 120 56.75 30.34 -18.15
N PHE C 121 56.58 31.21 -19.14
CA PHE C 121 56.88 30.87 -20.53
C PHE C 121 58.21 31.49 -20.97
N LEU C 122 58.78 30.92 -22.04
CA LEU C 122 60.05 31.37 -22.59
C LEU C 122 61.16 31.26 -21.53
N LYS C 123 61.68 32.39 -21.06
CA LYS C 123 62.76 32.41 -20.06
C LYS C 123 62.32 33.14 -18.79
N ASP C 124 61.64 34.28 -18.95
CA ASP C 124 61.32 35.18 -17.83
C ASP C 124 59.85 35.55 -17.69
N PHE C 125 59.03 35.36 -18.72
CA PHE C 125 57.65 35.83 -18.69
C PHE C 125 56.80 34.95 -17.77
N THR C 126 56.10 35.58 -16.83
CA THR C 126 55.29 34.87 -15.83
C THR C 126 53.84 35.33 -15.86
N TYR C 127 52.92 34.41 -15.56
CA TYR C 127 51.49 34.67 -15.67
C TYR C 127 50.67 33.93 -14.61
N SER C 128 49.97 34.70 -13.78
CA SER C 128 49.10 34.15 -12.75
C SER C 128 47.84 33.50 -13.38
N LYS C 129 47.08 32.80 -12.53
CA LYS C 129 45.74 32.30 -12.86
C LYS C 129 44.89 33.37 -13.52
N ASP C 130 44.85 34.57 -12.89
CA ASP C 130 44.01 35.67 -13.34
C ASP C 130 44.57 36.43 -14.56
N ASP C 131 45.89 36.40 -14.74
CA ASP C 131 46.51 36.96 -15.94
C ASP C 131 46.00 36.24 -17.21
N PHE C 132 45.58 34.98 -17.05
CA PHE C 132 44.93 34.23 -18.13
C PHE C 132 43.52 34.79 -18.39
N HIS C 133 42.75 34.97 -17.32
CA HIS C 133 41.38 35.47 -17.46
C HIS C 133 41.33 36.86 -18.07
N ARG C 134 42.35 37.68 -17.80
CA ARG C 134 42.41 39.07 -18.28
C ARG C 134 42.67 39.13 -19.78
N ALA C 135 43.20 38.05 -20.34
CA ALA C 135 43.39 37.91 -21.78
C ALA C 135 42.18 37.28 -22.47
N GLY C 136 40.99 37.50 -21.91
CA GLY C 136 39.75 37.09 -22.54
C GLY C 136 39.56 35.61 -22.78
N LEU C 137 39.92 34.79 -21.79
CA LEU C 137 39.79 33.33 -21.91
C LEU C 137 38.69 32.78 -20.99
N GLN C 138 38.12 31.64 -21.39
CA GLN C 138 37.08 30.96 -20.63
C GLN C 138 37.60 30.42 -19.29
N VAL C 139 36.76 30.49 -18.25
CA VAL C 139 37.11 29.98 -16.91
C VAL C 139 37.09 28.44 -16.85
N GLU C 140 36.31 27.79 -17.72
CA GLU C 140 36.25 26.32 -17.80
C GLU C 140 37.34 25.76 -18.70
N PHE C 141 38.15 26.65 -19.25
CA PHE C 141 39.37 26.32 -19.97
C PHE C 141 40.60 26.52 -19.06
N ILE C 142 40.54 27.51 -18.15
CA ILE C 142 41.66 27.83 -17.25
C ILE C 142 41.71 26.96 -15.98
N ASN C 143 40.56 26.60 -15.43
CA ASN C 143 40.51 25.79 -14.20
C ASN C 143 41.14 24.39 -14.38
N PRO C 144 40.72 23.61 -15.38
CA PRO C 144 41.25 22.24 -15.53
C PRO C 144 42.75 22.16 -15.83
N ILE C 145 43.31 23.19 -16.48
CA ILE C 145 44.73 23.25 -16.82
C ILE C 145 45.60 23.48 -15.59
N PHE C 146 45.12 24.30 -14.66
CA PHE C 146 45.84 24.55 -13.41
C PHE C 146 45.72 23.36 -12.46
N GLU C 147 44.60 22.65 -12.54
CA GLU C 147 44.41 21.39 -11.83
C GLU C 147 45.36 20.34 -12.44
N PHE C 148 45.49 20.34 -13.75
CA PHE C 148 46.37 19.38 -14.40
C PHE C 148 47.81 19.69 -13.97
N SER C 149 48.14 20.98 -14.12
CA SER C 149 49.44 21.50 -13.74
C SER C 149 49.83 21.10 -12.33
N ARG C 150 48.92 21.26 -11.38
CA ARG C 150 49.27 21.00 -9.99
C ARG C 150 49.26 19.51 -9.68
N ALA C 151 48.44 18.75 -10.39
CA ALA C 151 48.40 17.30 -10.21
C ALA C 151 49.69 16.68 -10.73
N MET C 152 50.32 17.35 -11.70
CA MET C 152 51.66 16.98 -12.13
C MET C 152 52.74 17.24 -11.07
N ARG C 153 52.60 18.31 -10.28
CA ARG C 153 53.61 18.61 -9.27
C ARG C 153 53.70 17.50 -8.24
N ARG C 154 52.53 17.03 -7.76
CA ARG C 154 52.42 15.95 -6.78
C ARG C 154 53.29 14.76 -7.18
N LEU C 155 53.36 14.55 -8.50
CA LEU C 155 54.11 13.46 -9.10
C LEU C 155 55.61 13.71 -9.15
N GLY C 156 55.99 14.97 -9.34
CA GLY C 156 57.33 15.45 -9.03
C GLY C 156 58.32 14.98 -10.06
N LEU C 157 57.88 15.06 -11.31
CA LEU C 157 58.70 14.62 -12.43
C LEU C 157 59.87 15.57 -12.63
N ASP C 158 61.01 15.01 -13.02
CA ASP C 158 62.14 15.81 -13.46
C ASP C 158 62.12 15.87 -15.00
N ASP C 159 63.11 16.54 -15.57
CA ASP C 159 63.21 16.73 -17.02
C ASP C 159 63.22 15.45 -17.85
N ALA C 160 63.96 14.46 -17.37
CA ALA C 160 64.04 13.18 -18.02
C ALA C 160 62.65 12.54 -18.16
N GLU C 161 61.87 12.63 -17.08
CA GLU C 161 60.56 12.00 -16.96
C GLU C 161 59.49 12.69 -17.79
N TYR C 162 59.56 14.01 -17.89
CA TYR C 162 58.67 14.75 -18.78
C TYR C 162 59.02 14.46 -20.23
N ALA C 163 60.29 14.22 -20.48
CA ALA C 163 60.80 14.03 -21.84
C ALA C 163 60.30 12.67 -22.32
N LEU C 164 60.49 11.65 -21.48
CA LEU C 164 60.02 10.30 -21.73
C LEU C 164 58.53 10.21 -21.84
N LEU C 165 57.78 10.97 -21.05
CA LEU C 165 56.31 10.96 -21.14
C LEU C 165 55.89 11.58 -22.46
N ILE C 166 56.58 12.63 -22.87
CA ILE C 166 56.29 13.26 -24.14
C ILE C 166 56.48 12.28 -25.31
N ALA C 167 57.64 11.63 -25.38
CA ALA C 167 57.91 10.64 -26.41
C ALA C 167 56.90 9.50 -26.40
N ILE C 168 56.51 9.03 -25.21
CA ILE C 168 55.48 8.01 -25.10
C ILE C 168 54.15 8.50 -25.70
N ASN C 169 53.84 9.78 -25.49
CA ASN C 169 52.61 10.40 -26.00
C ASN C 169 52.62 10.50 -27.50
N ILE C 170 53.77 10.83 -28.08
CA ILE C 170 53.89 10.99 -29.52
C ILE C 170 53.59 9.64 -30.24
N PHE C 171 54.11 8.54 -29.72
CA PHE C 171 53.97 7.23 -30.33
C PHE C 171 52.75 6.48 -29.82
N SER C 172 51.59 7.11 -29.94
CA SER C 172 50.32 6.48 -29.62
C SER C 172 49.77 5.95 -30.92
N ALA C 173 49.47 4.66 -30.98
CA ALA C 173 49.17 4.00 -32.26
C ALA C 173 47.76 4.34 -32.66
N ASP C 174 46.97 4.85 -31.72
CA ASP C 174 45.54 4.98 -31.92
C ASP C 174 45.08 6.36 -32.40
N ARG C 175 45.99 7.25 -32.71
CA ARG C 175 45.58 8.58 -33.18
C ARG C 175 44.83 8.45 -34.50
N PRO C 176 43.97 9.43 -34.80
CA PRO C 176 43.30 9.47 -36.09
C PRO C 176 44.30 9.48 -37.23
N ASN C 177 43.94 8.80 -38.32
CA ASN C 177 44.69 8.82 -39.57
C ASN C 177 46.04 8.09 -39.60
N VAL C 178 46.36 7.35 -38.54
CA VAL C 178 47.64 6.63 -38.48
C VAL C 178 47.60 5.47 -39.48
N GLN C 179 48.62 5.38 -40.33
CA GLN C 179 48.62 4.39 -41.41
C GLN C 179 49.32 3.11 -40.94
N GLU C 180 50.28 3.23 -40.03
CA GLU C 180 51.04 2.08 -39.54
C GLU C 180 50.99 2.00 -38.03
N PRO C 181 49.85 1.59 -37.46
CA PRO C 181 49.73 1.38 -36.00
C PRO C 181 50.82 0.46 -35.46
N GLY C 182 51.06 -0.65 -36.15
CA GLY C 182 52.12 -1.59 -35.76
C GLY C 182 53.48 -0.98 -35.54
N ARG C 183 53.94 -0.11 -36.45
CA ARG C 183 55.23 0.58 -36.28
C ARG C 183 55.22 1.54 -35.10
N VAL C 184 54.13 2.29 -34.98
CA VAL C 184 54.05 3.33 -33.96
C VAL C 184 54.15 2.69 -32.56
N GLU C 185 53.41 1.60 -32.38
CA GLU C 185 53.40 0.90 -31.11
C GLU C 185 54.76 0.27 -30.75
N ALA C 186 55.42 -0.35 -31.71
CA ALA C 186 56.77 -0.88 -31.51
C ALA C 186 57.78 0.22 -31.12
N LEU C 187 57.62 1.41 -31.73
CA LEU C 187 58.46 2.57 -31.39
C LEU C 187 58.22 3.11 -29.98
N GLN C 188 56.99 3.00 -29.50
CA GLN C 188 56.68 3.43 -28.16
C GLN C 188 57.31 2.54 -27.07
N GLN C 189 57.38 1.25 -27.31
CA GLN C 189 57.92 0.29 -26.35
C GLN C 189 59.21 0.72 -25.63
N PRO C 190 60.30 1.01 -26.34
CA PRO C 190 61.55 1.37 -25.64
C PRO C 190 61.43 2.58 -24.71
N TYR C 191 60.48 3.48 -24.98
CA TYR C 191 60.29 4.66 -24.14
C TYR C 191 59.52 4.30 -22.89
N VAL C 192 58.53 3.43 -23.02
CA VAL C 192 57.84 2.86 -21.86
C VAL C 192 58.81 2.06 -20.99
N GLU C 193 59.61 1.20 -21.62
CA GLU C 193 60.65 0.43 -20.92
C GLU C 193 61.58 1.37 -20.15
N ALA C 194 62.08 2.39 -20.83
CA ALA C 194 63.03 3.33 -20.26
C ALA C 194 62.47 4.06 -19.02
N LEU C 195 61.21 4.46 -19.10
CA LEU C 195 60.59 5.23 -18.04
C LEU C 195 60.23 4.33 -16.84
N LEU C 196 59.87 3.09 -17.12
CA LEU C 196 59.64 2.10 -16.07
C LEU C 196 60.94 1.90 -15.31
N SER C 197 62.02 1.70 -16.05
CA SER C 197 63.37 1.57 -15.50
C SER C 197 63.79 2.79 -14.71
N TYR C 198 63.60 3.97 -15.31
CA TYR C 198 64.06 5.24 -14.73
C TYR C 198 63.40 5.51 -13.38
N THR C 199 62.11 5.27 -13.29
CA THR C 199 61.33 5.51 -12.08
C THR C 199 61.64 4.48 -10.99
N ARG C 200 61.92 3.25 -11.40
CA ARG C 200 62.18 2.16 -10.46
C ARG C 200 63.48 2.41 -9.71
N ILE C 201 64.43 3.06 -10.38
CA ILE C 201 65.68 3.47 -9.77
C ILE C 201 65.53 4.76 -8.99
N LYS C 202 64.67 5.67 -9.44
CA LYS C 202 64.50 6.97 -8.79
C LYS C 202 63.76 6.85 -7.43
N ARG C 203 62.54 6.32 -7.43
CA ARG C 203 61.81 6.00 -6.20
C ARG C 203 61.47 4.51 -6.12
N PRO C 204 62.46 3.67 -5.85
CA PRO C 204 62.21 2.23 -5.68
C PRO C 204 61.02 1.86 -4.79
N GLN C 205 60.81 2.58 -3.70
CA GLN C 205 59.75 2.26 -2.76
C GLN C 205 58.52 3.19 -2.92
N ASP C 206 58.15 3.45 -4.17
CA ASP C 206 56.86 4.02 -4.56
C ASP C 206 56.50 3.46 -5.93
N GLN C 207 55.95 2.24 -5.93
CA GLN C 207 55.65 1.53 -7.17
C GLN C 207 54.61 2.23 -8.05
N LEU C 208 53.72 3.00 -7.42
CA LEU C 208 52.60 3.60 -8.14
C LEU C 208 52.93 4.94 -8.82
N ARG C 209 54.15 5.43 -8.67
CA ARG C 209 54.54 6.66 -9.35
C ARG C 209 54.45 6.46 -10.85
N PHE C 210 55.01 5.36 -11.32
CA PHE C 210 54.98 5.06 -12.75
C PHE C 210 53.53 4.97 -13.27
N PRO C 211 52.72 4.04 -12.75
CA PRO C 211 51.30 3.98 -13.12
C PRO C 211 50.63 5.35 -13.16
N ARG C 212 50.82 6.16 -12.13
CA ARG C 212 50.17 7.46 -12.06
C ARG C 212 50.63 8.40 -13.16
N MET C 213 51.90 8.31 -13.54
CA MET C 213 52.43 9.05 -14.68
C MET C 213 51.68 8.69 -15.96
N LEU C 214 51.54 7.40 -16.22
CA LEU C 214 50.84 6.92 -17.41
C LEU C 214 49.36 7.29 -17.36
N MET C 215 48.79 7.26 -16.16
CA MET C 215 47.39 7.62 -15.96
C MET C 215 47.10 9.09 -16.32
N LYS C 216 48.13 9.93 -16.32
CA LYS C 216 47.96 11.33 -16.67
C LYS C 216 47.89 11.52 -18.18
N LEU C 217 48.41 10.55 -18.93
CA LEU C 217 48.18 10.52 -20.37
C LEU C 217 46.66 10.34 -20.64
N VAL C 218 45.98 9.62 -19.75
CA VAL C 218 44.53 9.46 -19.86
C VAL C 218 43.85 10.81 -19.70
N SER C 219 44.21 11.51 -18.64
CA SER C 219 43.62 12.80 -18.36
C SER C 219 43.94 13.81 -19.48
N LEU C 220 45.10 13.68 -20.11
CA LEU C 220 45.52 14.53 -21.23
C LEU C 220 44.67 14.36 -22.48
N ARG C 221 44.16 13.15 -22.70
CA ARG C 221 43.29 12.88 -23.85
C ARG C 221 42.00 13.66 -23.75
N THR C 222 41.41 13.67 -22.56
CA THR C 222 40.17 14.40 -22.31
C THR C 222 40.40 15.92 -22.39
N LEU C 223 41.49 16.37 -21.79
CA LEU C 223 41.83 17.78 -21.73
C LEU C 223 42.12 18.33 -23.12
N SER C 224 42.69 17.48 -23.97
CA SER C 224 42.98 17.83 -25.34
C SER C 224 41.69 18.09 -26.12
N SER C 225 40.67 17.25 -25.87
CA SER C 225 39.36 17.43 -26.51
C SER C 225 38.63 18.72 -26.12
N VAL C 226 39.09 19.38 -25.06
CA VAL C 226 38.60 20.71 -24.63
C VAL C 226 39.07 21.86 -25.54
N HIS C 227 40.15 21.62 -26.31
CA HIS C 227 40.75 22.63 -27.18
C HIS C 227 39.85 23.08 -28.32
N SER C 228 39.16 22.12 -28.95
CA SER C 228 38.20 22.44 -30.01
C SER C 228 37.25 23.55 -29.59
N GLU C 229 36.69 23.39 -28.38
CA GLU C 229 35.69 24.31 -27.83
C GLU C 229 36.11 25.78 -27.86
N GLN C 230 37.36 26.05 -27.46
CA GLN C 230 37.85 27.42 -27.30
C GLN C 230 37.78 28.24 -28.60
N LEU D 12 49.92 -11.47 -3.11
CA LEU D 12 48.80 -10.52 -2.78
C LEU D 12 48.39 -10.62 -1.32
N THR D 13 47.52 -9.71 -0.90
CA THR D 13 47.01 -9.64 0.48
C THR D 13 45.51 -9.94 0.55
N ALA D 14 44.97 -9.99 1.76
CA ALA D 14 43.56 -10.36 1.98
C ALA D 14 42.55 -9.39 1.30
N ALA D 15 42.84 -8.06 1.57
CA ALA D 15 41.90 -7.00 1.24
C ALA D 15 41.63 -6.91 -0.26
N GLN D 16 42.29 -7.77 -1.04
CA GLN D 16 42.15 -7.81 -2.49
C GLN D 16 41.65 -9.18 -2.98
N GLU D 17 42.15 -10.27 -2.40
CA GLU D 17 41.64 -11.61 -2.68
C GLU D 17 40.11 -11.66 -2.55
N LEU D 18 39.58 -11.02 -1.52
CA LEU D 18 38.13 -10.83 -1.37
C LEU D 18 37.55 -10.13 -2.58
N MET D 19 38.19 -9.02 -2.95
CA MET D 19 37.67 -8.11 -3.97
C MET D 19 37.81 -8.61 -5.40
N ILE D 20 38.61 -9.66 -5.63
CA ILE D 20 38.83 -10.14 -7.00
C ILE D 20 37.68 -11.05 -7.40
N GLN D 21 37.26 -11.94 -6.50
CA GLN D 21 36.11 -12.81 -6.76
C GLN D 21 34.83 -11.95 -6.82
N GLN D 22 34.91 -10.84 -5.99
CA GLN D 22 33.81 -9.89 -5.80
C GLN D 22 33.44 -9.31 -7.13
N LEU D 23 34.43 -8.73 -7.79
CA LEU D 23 34.24 -8.10 -9.07
C LEU D 23 33.87 -9.18 -10.09
N VAL D 24 34.43 -10.39 -9.95
CA VAL D 24 34.14 -11.47 -10.89
C VAL D 24 32.70 -11.93 -10.77
N ALA D 25 32.32 -12.39 -9.58
CA ALA D 25 30.96 -12.94 -9.34
C ALA D 25 29.82 -11.98 -9.71
N ALA D 26 30.02 -10.69 -9.43
CA ALA D 26 29.10 -9.61 -9.79
C ALA D 26 29.04 -9.33 -11.32
N GLN D 27 30.17 -9.46 -12.01
CA GLN D 27 30.22 -9.33 -13.46
C GLN D 27 29.51 -10.50 -14.17
N LEU D 28 29.49 -11.67 -13.51
CA LEU D 28 28.86 -12.86 -14.10
C LEU D 28 27.35 -12.89 -13.89
N GLN D 29 26.88 -12.21 -12.84
CA GLN D 29 25.45 -12.13 -12.53
C GLN D 29 24.81 -10.96 -13.27
N CYS D 30 25.62 -10.12 -13.89
CA CYS D 30 25.14 -9.18 -14.89
C CYS D 30 25.09 -9.91 -16.24
N ASN D 31 26.07 -10.77 -16.47
CA ASN D 31 26.15 -11.57 -17.69
C ASN D 31 24.92 -12.45 -17.88
N LYS D 32 24.45 -13.04 -16.78
CA LYS D 32 23.38 -14.01 -16.80
C LYS D 32 22.03 -13.30 -16.72
N ARG D 33 21.89 -12.48 -15.68
CA ARG D 33 20.65 -11.73 -15.40
C ARG D 33 19.98 -11.23 -16.69
N SER D 34 20.77 -10.66 -17.58
CA SER D 34 20.30 -10.22 -18.88
C SER D 34 21.01 -11.01 -19.99
N PHE D 35 20.63 -12.29 -20.08
CA PHE D 35 21.16 -13.28 -21.05
C PHE D 35 20.01 -14.01 -21.80
N SER D 36 18.81 -13.97 -21.23
CA SER D 36 17.60 -14.41 -21.91
C SER D 36 16.38 -13.83 -21.23
N LYS D 40 14.01 -12.45 -26.74
CA LYS D 40 13.13 -11.45 -27.33
C LYS D 40 13.85 -10.11 -27.58
N VAL D 41 15.06 -10.20 -28.16
CA VAL D 41 15.71 -9.08 -28.86
C VAL D 41 15.32 -9.13 -30.36
N THR D 42 15.39 -7.97 -31.01
CA THR D 42 14.91 -7.85 -32.39
C THR D 42 15.75 -8.80 -33.22
N PRO D 43 15.16 -9.83 -33.86
CA PRO D 43 15.99 -10.84 -34.53
C PRO D 43 16.89 -10.22 -35.59
N TRP D 44 18.04 -10.84 -35.80
CA TRP D 44 18.94 -10.48 -36.89
C TRP D 44 18.37 -11.07 -38.19
N PRO D 45 18.19 -10.25 -39.22
CA PRO D 45 17.56 -10.71 -40.47
C PRO D 45 18.46 -11.65 -41.31
N LEU D 46 17.92 -12.77 -41.77
CA LEU D 46 18.69 -13.73 -42.57
C LEU D 46 17.82 -14.29 -43.68
N ALA D 55 16.36 -4.23 -44.85
CA ALA D 55 17.49 -5.03 -44.38
C ALA D 55 18.27 -4.28 -43.30
N ARG D 56 18.74 -3.09 -43.67
CA ARG D 56 19.71 -2.32 -42.89
C ARG D 56 19.17 -1.80 -41.57
N GLN D 57 17.92 -1.37 -41.58
CA GLN D 57 17.33 -0.82 -40.38
C GLN D 57 17.31 -1.88 -39.27
N GLN D 58 16.92 -3.09 -39.68
CA GLN D 58 16.53 -4.13 -38.71
C GLN D 58 17.77 -4.63 -38.04
N ARG D 59 18.89 -4.61 -38.77
CA ARG D 59 20.21 -4.84 -38.20
C ARG D 59 20.56 -3.81 -37.14
N PHE D 60 20.27 -2.56 -37.45
CA PHE D 60 20.59 -1.44 -36.59
C PHE D 60 19.70 -1.42 -35.32
N ALA D 61 18.44 -1.83 -35.49
CA ALA D 61 17.40 -1.93 -34.41
C ALA D 61 17.74 -3.04 -33.40
N HIS D 62 18.11 -4.20 -33.95
CA HIS D 62 18.89 -5.29 -33.25
C HIS D 62 20.09 -4.79 -32.41
N PHE D 63 21.06 -4.15 -33.06
CA PHE D 63 22.31 -3.73 -32.35
C PHE D 63 22.05 -2.70 -31.26
N THR D 64 21.10 -1.79 -31.47
CA THR D 64 20.86 -0.74 -30.45
C THR D 64 20.10 -1.35 -29.25
N GLU D 65 19.35 -2.40 -29.50
CA GLU D 65 18.71 -3.21 -28.49
C GLU D 65 19.70 -4.03 -27.68
N LEU D 66 20.76 -4.56 -28.32
CA LEU D 66 21.84 -5.20 -27.59
C LEU D 66 22.53 -4.15 -26.73
N ALA D 67 22.59 -2.93 -27.24
CA ALA D 67 23.36 -1.86 -26.59
C ALA D 67 22.59 -1.36 -25.40
N ILE D 68 21.27 -1.52 -25.44
CA ILE D 68 20.45 -1.19 -24.28
C ILE D 68 20.71 -2.20 -23.17
N ILE D 69 20.69 -3.49 -23.51
CA ILE D 69 20.99 -4.55 -22.56
C ILE D 69 22.32 -4.28 -21.87
N SER D 70 23.32 -3.87 -22.65
CA SER D 70 24.67 -3.71 -22.12
C SER D 70 24.70 -2.60 -21.07
N VAL D 71 24.13 -1.45 -21.43
CA VAL D 71 24.02 -0.30 -20.53
C VAL D 71 23.37 -0.72 -19.21
N GLN D 72 22.35 -1.57 -19.29
CA GLN D 72 21.67 -2.07 -18.10
C GLN D 72 22.56 -2.95 -17.20
N GLU D 73 23.43 -3.74 -17.79
CA GLU D 73 24.40 -4.53 -17.03
C GLU D 73 25.47 -3.66 -16.37
N ILE D 74 25.85 -2.59 -17.05
CA ILE D 74 26.86 -1.68 -16.54
C ILE D 74 26.34 -0.89 -15.32
N VAL D 75 25.08 -0.46 -15.33
CA VAL D 75 24.44 0.19 -14.18
C VAL D 75 24.27 -0.81 -13.02
N ASP D 76 23.92 -2.05 -13.33
CA ASP D 76 23.78 -3.10 -12.34
C ASP D 76 25.11 -3.40 -11.65
N PHE D 77 26.20 -3.38 -12.40
CA PHE D 77 27.48 -3.87 -11.89
C PHE D 77 28.10 -2.89 -10.88
N ALA D 78 28.09 -1.62 -11.27
CA ALA D 78 28.80 -0.57 -10.53
C ALA D 78 28.19 -0.33 -9.16
N LYS D 79 26.96 -0.79 -8.96
CA LYS D 79 26.36 -0.80 -7.63
C LYS D 79 26.98 -1.85 -6.68
N GLN D 80 27.55 -2.91 -7.26
CA GLN D 80 28.20 -3.98 -6.51
C GLN D 80 29.71 -3.72 -6.30
N VAL D 81 30.23 -2.68 -6.97
CA VAL D 81 31.66 -2.33 -6.85
C VAL D 81 31.81 -1.60 -5.52
N PRO D 82 32.63 -2.16 -4.62
CA PRO D 82 32.76 -1.59 -3.26
C PRO D 82 33.33 -0.18 -3.23
N GLY D 83 32.53 0.76 -2.72
CA GLY D 83 32.93 2.15 -2.61
C GLY D 83 32.35 3.00 -3.71
N PHE D 84 31.43 2.44 -4.48
CA PHE D 84 30.62 3.22 -5.43
C PHE D 84 29.36 3.75 -4.70
N LEU D 85 28.76 2.91 -3.85
CA LEU D 85 27.62 3.31 -3.02
C LEU D 85 28.05 4.33 -1.97
N GLN D 86 29.27 4.15 -1.46
CA GLN D 86 29.89 5.05 -0.48
C GLN D 86 30.09 6.48 -1.01
N LEU D 87 30.07 6.62 -2.36
CA LEU D 87 30.19 7.92 -3.05
C LEU D 87 28.88 8.75 -2.93
N GLY D 88 28.91 9.98 -3.44
CA GLY D 88 27.70 10.76 -3.70
C GLY D 88 26.88 10.11 -4.83
N ARG D 89 25.57 10.34 -4.83
CA ARG D 89 24.65 9.73 -5.82
C ARG D 89 24.70 10.46 -7.17
N GLU D 90 24.85 11.79 -7.14
CA GLU D 90 25.09 12.56 -8.36
C GLU D 90 26.45 12.19 -8.96
N ASP D 91 27.39 11.89 -8.07
CA ASP D 91 28.72 11.47 -8.47
C ASP D 91 28.72 10.13 -9.23
N GLN D 92 27.75 9.26 -8.92
CA GLN D 92 27.57 8.01 -9.65
C GLN D 92 27.07 8.24 -11.08
N ILE D 93 26.27 9.29 -11.27
CA ILE D 93 25.75 9.63 -12.60
C ILE D 93 26.85 10.08 -13.62
N ALA D 94 27.82 10.90 -13.18
CA ALA D 94 28.80 11.54 -14.09
C ALA D 94 29.84 10.53 -14.55
N LEU D 95 30.25 9.71 -13.54
CA LEU D 95 31.17 8.64 -13.82
C LEU D 95 30.53 7.71 -14.82
N LEU D 96 29.23 7.43 -14.67
CA LEU D 96 28.55 6.44 -15.54
C LEU D 96 28.29 7.00 -16.92
N LYS D 97 27.92 8.28 -16.99
CA LYS D 97 27.74 8.95 -18.28
C LYS D 97 29.01 8.94 -19.14
N ALA D 98 30.18 9.14 -18.52
CA ALA D 98 31.46 9.10 -19.27
C ALA D 98 32.07 7.69 -19.42
N SER D 99 31.75 6.80 -18.49
CA SER D 99 32.34 5.47 -18.42
C SER D 99 31.62 4.38 -19.23
N THR D 100 30.31 4.54 -19.47
CA THR D 100 29.49 3.44 -19.98
C THR D 100 30.00 2.91 -21.31
N ILE D 101 30.25 3.84 -22.25
CA ILE D 101 30.79 3.48 -23.56
C ILE D 101 32.17 2.83 -23.44
N GLU D 102 32.98 3.28 -22.50
CA GLU D 102 34.32 2.71 -22.36
C GLU D 102 34.26 1.26 -21.87
N ILE D 103 33.33 0.96 -20.96
CA ILE D 103 33.15 -0.39 -20.44
C ILE D 103 32.49 -1.29 -21.48
N MET D 104 31.58 -0.71 -22.26
CA MET D 104 30.98 -1.43 -23.39
C MET D 104 32.06 -1.85 -24.37
N LEU D 105 32.94 -0.92 -24.70
CA LEU D 105 34.10 -1.23 -25.55
C LEU D 105 34.97 -2.33 -24.98
N LEU D 106 35.27 -2.24 -23.69
CA LEU D 106 36.03 -3.28 -22.99
C LEU D 106 35.34 -4.65 -23.06
N GLU D 107 34.01 -4.68 -22.87
CA GLU D 107 33.26 -5.94 -22.91
C GLU D 107 33.16 -6.48 -24.32
N THR D 108 33.11 -5.57 -25.27
CA THR D 108 33.16 -5.91 -26.68
C THR D 108 34.48 -6.59 -27.08
N ALA D 109 35.61 -5.98 -26.70
CA ALA D 109 36.92 -6.61 -26.90
C ALA D 109 36.98 -8.03 -26.31
N ARG D 110 36.42 -8.18 -25.14
CA ARG D 110 36.45 -9.46 -24.44
C ARG D 110 35.68 -10.53 -25.24
N ARG D 111 34.73 -10.08 -26.07
CA ARG D 111 33.90 -10.96 -26.86
C ARG D 111 34.40 -11.16 -28.29
N TYR D 112 35.57 -10.59 -28.57
CA TYR D 112 36.22 -10.66 -29.86
C TYR D 112 37.05 -11.93 -29.93
N ASN D 113 36.82 -12.71 -30.95
CA ASN D 113 37.59 -13.92 -31.20
C ASN D 113 38.41 -13.74 -32.46
N HIS D 114 39.74 -13.67 -32.32
CA HIS D 114 40.59 -13.38 -33.48
C HIS D 114 40.71 -14.47 -34.53
N GLU D 115 40.31 -15.67 -34.16
CA GLU D 115 40.35 -16.80 -35.04
C GLU D 115 39.21 -16.70 -36.08
N THR D 116 38.09 -16.08 -35.72
CA THR D 116 36.97 -15.81 -36.65
C THR D 116 36.89 -14.31 -37.06
N GLU D 117 37.66 -13.47 -36.39
CA GLU D 117 37.50 -12.01 -36.43
C GLU D 117 36.06 -11.53 -36.19
N CYS D 118 35.34 -12.24 -35.33
CA CYS D 118 33.97 -11.88 -34.96
C CYS D 118 33.83 -11.57 -33.47
N ILE D 119 32.85 -10.72 -33.17
CA ILE D 119 32.42 -10.38 -31.83
C ILE D 119 31.14 -11.13 -31.45
N THR D 120 31.14 -11.87 -30.34
CA THR D 120 29.97 -12.56 -29.89
C THR D 120 29.24 -11.83 -28.74
N PHE D 121 28.07 -11.27 -29.05
CA PHE D 121 27.17 -10.71 -28.02
C PHE D 121 26.17 -11.77 -27.52
N LEU D 122 25.86 -11.75 -26.23
CA LEU D 122 24.97 -12.74 -25.60
C LEU D 122 25.56 -14.17 -25.70
N LYS D 123 24.76 -15.14 -26.16
CA LYS D 123 25.24 -16.51 -26.29
C LYS D 123 25.83 -16.72 -27.69
N ASP D 124 25.00 -16.52 -28.71
CA ASP D 124 25.26 -16.98 -30.08
C ASP D 124 25.27 -15.87 -31.14
N PHE D 125 25.08 -14.61 -30.73
CA PHE D 125 24.94 -13.52 -31.72
C PHE D 125 26.33 -13.03 -32.14
N THR D 126 26.80 -13.54 -33.28
CA THR D 126 28.21 -13.42 -33.68
C THR D 126 28.31 -12.65 -34.99
N TYR D 127 29.20 -11.67 -35.02
CA TYR D 127 29.22 -10.66 -36.08
C TYR D 127 30.62 -10.30 -36.51
N SER D 128 30.84 -10.28 -37.83
CA SER D 128 32.08 -9.80 -38.46
C SER D 128 32.02 -8.29 -38.76
N LYS D 129 33.13 -7.70 -39.14
CA LYS D 129 33.13 -6.34 -39.70
C LYS D 129 31.98 -6.12 -40.69
N ASP D 130 31.76 -7.12 -41.54
CA ASP D 130 30.79 -6.96 -42.58
C ASP D 130 29.39 -6.74 -42.04
N ASP D 131 29.01 -7.47 -41.00
CA ASP D 131 27.70 -7.28 -40.37
C ASP D 131 27.52 -5.90 -39.76
N PHE D 132 28.58 -5.33 -39.22
CA PHE D 132 28.45 -3.99 -38.67
C PHE D 132 28.21 -2.96 -39.76
N HIS D 133 28.90 -3.10 -40.87
CA HIS D 133 28.77 -2.13 -41.95
C HIS D 133 27.40 -2.22 -42.58
N ARG D 134 26.87 -3.44 -42.63
CA ARG D 134 25.52 -3.72 -43.16
C ARG D 134 24.38 -3.10 -42.34
N ALA D 135 24.63 -2.85 -41.05
CA ALA D 135 23.70 -2.14 -40.17
C ALA D 135 23.86 -0.62 -40.30
N GLY D 136 24.72 -0.18 -41.19
CA GLY D 136 24.81 1.23 -41.54
C GLY D 136 25.83 1.98 -40.74
N LEU D 137 26.58 1.29 -39.90
CA LEU D 137 27.61 1.95 -39.10
C LEU D 137 28.82 2.33 -39.97
N GLN D 138 29.43 3.46 -39.64
CA GLN D 138 30.52 4.05 -40.42
C GLN D 138 31.78 3.24 -40.24
N VAL D 139 32.61 3.19 -41.29
CA VAL D 139 33.92 2.52 -41.22
C VAL D 139 34.86 3.26 -40.26
N GLU D 140 34.78 4.59 -40.21
CA GLU D 140 35.52 5.38 -39.21
C GLU D 140 35.29 4.92 -37.75
N PHE D 141 34.19 4.20 -37.52
CA PHE D 141 33.76 3.70 -36.21
C PHE D 141 34.09 2.22 -36.12
N ILE D 142 33.85 1.47 -37.19
CA ILE D 142 34.09 0.03 -37.14
C ILE D 142 35.59 -0.29 -37.02
N ASN D 143 36.42 0.37 -37.83
CA ASN D 143 37.84 -0.03 -37.90
C ASN D 143 38.56 0.15 -36.56
N PRO D 144 38.54 1.32 -35.93
CA PRO D 144 39.20 1.49 -34.62
C PRO D 144 38.74 0.53 -33.50
N ILE D 145 37.49 0.08 -33.48
CA ILE D 145 36.99 -0.78 -32.41
C ILE D 145 37.52 -2.18 -32.60
N PHE D 146 37.58 -2.60 -33.86
CA PHE D 146 38.17 -3.88 -34.18
C PHE D 146 39.66 -3.90 -33.85
N GLU D 147 40.41 -2.84 -34.12
CA GLU D 147 41.83 -2.93 -33.81
C GLU D 147 42.09 -2.80 -32.34
N PHE D 148 41.21 -2.09 -31.62
CA PHE D 148 41.29 -2.08 -30.17
C PHE D 148 41.07 -3.49 -29.66
N SER D 149 40.06 -4.17 -30.21
CA SER D 149 39.73 -5.50 -29.79
C SER D 149 40.89 -6.46 -30.06
N ARG D 150 41.61 -6.26 -31.18
CA ARG D 150 42.71 -7.14 -31.54
C ARG D 150 43.85 -6.97 -30.54
N ALA D 151 44.12 -5.73 -30.19
CA ALA D 151 45.22 -5.43 -29.26
C ALA D 151 44.91 -5.98 -27.88
N MET D 152 43.66 -5.84 -27.46
CA MET D 152 43.19 -6.35 -26.17
C MET D 152 43.40 -7.86 -26.09
N ARG D 153 43.06 -8.54 -27.18
CA ARG D 153 43.16 -9.99 -27.28
C ARG D 153 44.58 -10.48 -27.21
N ARG D 154 45.51 -9.67 -27.71
CA ARG D 154 46.93 -10.01 -27.66
C ARG D 154 47.47 -9.92 -26.23
N LEU D 155 46.78 -9.22 -25.35
CA LEU D 155 47.19 -9.16 -23.95
C LEU D 155 46.78 -10.38 -23.17
N GLY D 156 45.66 -10.97 -23.57
CA GLY D 156 45.17 -12.20 -22.97
C GLY D 156 44.75 -12.00 -21.53
N LEU D 157 43.96 -10.98 -21.25
CA LEU D 157 43.47 -10.72 -19.90
C LEU D 157 42.50 -11.80 -19.43
N ASP D 158 42.71 -12.32 -18.23
CA ASP D 158 41.71 -13.23 -17.62
C ASP D 158 40.51 -12.43 -17.08
N ASP D 159 39.59 -13.10 -16.40
CA ASP D 159 38.37 -12.43 -15.94
C ASP D 159 38.68 -11.39 -14.87
N ALA D 160 39.59 -11.74 -13.97
CA ALA D 160 40.00 -10.83 -12.89
C ALA D 160 40.51 -9.52 -13.44
N GLU D 161 41.33 -9.61 -14.50
CA GLU D 161 42.00 -8.45 -15.05
C GLU D 161 40.96 -7.50 -15.63
N TYR D 162 40.03 -8.06 -16.43
CA TYR D 162 38.95 -7.25 -17.02
C TYR D 162 38.12 -6.55 -15.93
N ALA D 163 37.89 -7.26 -14.83
CA ALA D 163 37.03 -6.76 -13.75
C ALA D 163 37.67 -5.63 -12.90
N LEU D 164 39.00 -5.73 -12.80
CA LEU D 164 39.80 -4.73 -12.10
C LEU D 164 40.03 -3.50 -12.99
N LEU D 165 40.22 -3.73 -14.29
CA LEU D 165 40.39 -2.65 -15.26
C LEU D 165 39.11 -1.81 -15.26
N ILE D 166 37.98 -2.50 -15.40
CA ILE D 166 36.66 -1.85 -15.41
C ILE D 166 36.49 -0.98 -14.15
N ALA D 167 36.89 -1.52 -13.00
CA ALA D 167 36.78 -0.77 -11.75
C ALA D 167 37.66 0.50 -11.80
N ILE D 168 38.89 0.33 -12.32
CA ILE D 168 39.79 1.48 -12.50
C ILE D 168 39.16 2.53 -13.43
N ASN D 169 38.54 2.03 -14.50
CA ASN D 169 37.96 2.86 -15.57
C ASN D 169 36.76 3.66 -15.10
N ILE D 170 36.02 3.03 -14.18
CA ILE D 170 34.90 3.69 -13.50
C ILE D 170 35.45 4.83 -12.67
N PHE D 171 36.53 4.58 -11.95
CA PHE D 171 36.92 5.47 -10.85
C PHE D 171 37.96 6.52 -11.31
N SER D 172 37.60 7.24 -12.38
CA SER D 172 38.42 8.35 -12.89
C SER D 172 37.88 9.72 -12.45
N ALA D 173 38.75 10.50 -11.76
CA ALA D 173 38.35 11.80 -11.20
C ALA D 173 38.38 12.95 -12.23
N ASP D 174 39.00 12.73 -13.38
CA ASP D 174 39.03 13.75 -14.46
C ASP D 174 37.82 13.69 -15.44
N ARG D 175 36.76 13.00 -15.01
CA ARG D 175 35.47 13.09 -15.70
C ARG D 175 34.86 14.47 -15.48
N PRO D 176 34.03 14.94 -16.42
CA PRO D 176 33.26 16.18 -16.22
C PRO D 176 32.23 15.96 -15.11
N ASN D 177 31.98 17.01 -14.32
CA ASN D 177 30.92 17.02 -13.29
C ASN D 177 31.12 16.13 -12.04
N VAL D 178 32.31 15.56 -11.86
CA VAL D 178 32.62 14.88 -10.58
C VAL D 178 32.89 15.92 -9.47
N GLN D 179 32.18 15.82 -8.34
CA GLN D 179 32.28 16.81 -7.24
C GLN D 179 33.23 16.43 -6.09
N GLU D 180 33.58 15.14 -5.99
CA GLU D 180 34.51 14.69 -4.95
C GLU D 180 35.69 13.95 -5.59
N PRO D 181 36.48 14.68 -6.38
CA PRO D 181 37.60 14.07 -7.12
C PRO D 181 38.74 13.58 -6.21
N GLY D 182 38.90 14.20 -5.01
CA GLY D 182 39.85 13.74 -4.00
C GLY D 182 39.51 12.34 -3.50
N ARG D 183 38.21 12.08 -3.31
CA ARG D 183 37.72 10.74 -2.94
C ARG D 183 37.60 9.71 -4.10
N VAL D 184 37.61 10.17 -5.36
CA VAL D 184 37.54 9.24 -6.52
C VAL D 184 38.89 8.57 -6.73
N GLU D 185 39.97 9.36 -6.57
CA GLU D 185 41.35 8.86 -6.64
C GLU D 185 41.52 7.69 -5.66
N ALA D 186 40.94 7.90 -4.43
CA ALA D 186 41.17 6.97 -3.30
C ALA D 186 40.52 5.58 -3.49
N LEU D 187 39.33 5.63 -4.19
CA LEU D 187 38.59 4.42 -4.52
C LEU D 187 39.29 3.64 -5.66
N GLN D 188 39.93 4.39 -6.55
CA GLN D 188 40.68 3.83 -7.68
C GLN D 188 42.02 3.20 -7.25
N GLN D 189 42.64 3.75 -6.20
CA GLN D 189 44.00 3.35 -5.80
C GLN D 189 44.10 1.89 -5.33
N PRO D 190 43.21 1.45 -4.44
CA PRO D 190 43.16 0.01 -4.08
C PRO D 190 43.04 -0.91 -5.28
N TYR D 191 42.18 -0.59 -6.24
CA TYR D 191 41.99 -1.44 -7.42
C TYR D 191 43.24 -1.47 -8.24
N VAL D 192 43.96 -0.35 -8.27
CA VAL D 192 45.21 -0.26 -9.01
C VAL D 192 46.30 -1.10 -8.31
N GLU D 193 46.35 -1.02 -6.99
CA GLU D 193 47.31 -1.79 -6.16
C GLU D 193 47.05 -3.31 -6.18
N ALA D 194 45.76 -3.64 -6.37
CA ALA D 194 45.27 -5.02 -6.57
C ALA D 194 45.64 -5.58 -7.97
N LEU D 195 45.48 -4.77 -9.02
CA LEU D 195 45.78 -5.25 -10.40
C LEU D 195 47.27 -5.36 -10.61
N LEU D 196 48.05 -4.57 -9.86
CA LEU D 196 49.49 -4.50 -10.09
C LEU D 196 50.17 -5.78 -9.58
N SER D 197 49.72 -6.25 -8.42
CA SER D 197 50.26 -7.44 -7.81
C SER D 197 49.77 -8.68 -8.54
N TYR D 198 48.53 -8.66 -8.99
CA TYR D 198 47.97 -9.75 -9.77
C TYR D 198 48.81 -10.06 -11.01
N THR D 199 49.20 -9.02 -11.78
CA THR D 199 49.99 -9.21 -13.01
C THR D 199 51.44 -9.64 -12.70
N ARG D 200 51.90 -9.34 -11.48
CA ARG D 200 53.21 -9.80 -11.02
C ARG D 200 53.23 -11.30 -10.69
N ILE D 201 52.08 -11.85 -10.30
CA ILE D 201 51.96 -13.27 -9.97
C ILE D 201 51.51 -14.10 -11.19
N LYS D 202 50.72 -13.51 -12.08
CA LYS D 202 50.36 -14.20 -13.32
C LYS D 202 51.66 -14.44 -14.11
N ARG D 203 52.17 -13.37 -14.74
CA ARG D 203 53.42 -13.43 -15.49
C ARG D 203 54.46 -12.47 -14.87
N PRO D 204 55.33 -13.00 -13.99
CA PRO D 204 56.41 -12.18 -13.43
C PRO D 204 57.57 -11.97 -14.40
N GLN D 205 57.44 -12.48 -15.62
CA GLN D 205 58.47 -12.39 -16.65
C GLN D 205 58.13 -11.29 -17.69
N ASP D 206 56.84 -10.95 -17.78
CA ASP D 206 56.39 -9.88 -18.66
C ASP D 206 55.98 -8.65 -17.84
N GLN D 207 56.96 -7.83 -17.48
CA GLN D 207 56.69 -6.62 -16.68
C GLN D 207 56.17 -5.41 -17.47
N LEU D 208 55.94 -5.57 -18.77
CA LEU D 208 55.35 -4.50 -19.59
C LEU D 208 53.86 -4.71 -19.80
N ARG D 209 53.36 -5.83 -19.28
CA ARG D 209 51.95 -6.15 -19.41
C ARG D 209 51.11 -5.18 -18.59
N PHE D 210 51.53 -4.88 -17.36
CA PHE D 210 50.75 -3.96 -16.53
C PHE D 210 50.62 -2.55 -17.14
N PRO D 211 51.71 -1.92 -17.56
CA PRO D 211 51.60 -0.60 -18.18
C PRO D 211 50.78 -0.65 -19.45
N ARG D 212 50.88 -1.73 -20.20
CA ARG D 212 50.14 -1.86 -21.44
C ARG D 212 48.62 -1.87 -21.16
N MET D 213 48.21 -2.50 -20.07
CA MET D 213 46.81 -2.53 -19.67
C MET D 213 46.30 -1.15 -19.32
N LEU D 214 47.15 -0.36 -18.67
CA LEU D 214 46.78 1.00 -18.33
C LEU D 214 46.81 1.86 -19.58
N MET D 215 47.68 1.55 -20.52
CA MET D 215 47.71 2.29 -21.79
C MET D 215 46.39 2.11 -22.56
N LYS D 216 45.67 1.05 -22.28
CA LYS D 216 44.37 0.82 -22.92
C LYS D 216 43.25 1.71 -22.40
N LEU D 217 43.37 2.19 -21.16
CA LEU D 217 42.50 3.26 -20.64
C LEU D 217 42.62 4.55 -21.45
N VAL D 218 43.83 4.82 -21.91
CA VAL D 218 44.09 5.97 -22.77
C VAL D 218 43.38 5.79 -24.11
N SER D 219 43.44 4.56 -24.61
CA SER D 219 42.80 4.23 -25.87
C SER D 219 41.31 4.38 -25.70
N LEU D 220 40.77 3.93 -24.57
CA LEU D 220 39.33 4.07 -24.31
C LEU D 220 38.84 5.51 -24.38
N ARG D 221 39.64 6.46 -23.91
CA ARG D 221 39.28 7.88 -24.07
C ARG D 221 39.19 8.30 -25.52
N THR D 222 40.14 7.90 -26.37
CA THR D 222 40.11 8.30 -27.79
C THR D 222 38.88 7.72 -28.49
N LEU D 223 38.54 6.49 -28.14
CA LEU D 223 37.43 5.77 -28.70
C LEU D 223 36.07 6.43 -28.36
N SER D 224 36.01 7.12 -27.21
CA SER D 224 34.85 7.93 -26.83
C SER D 224 34.60 9.07 -27.82
N SER D 225 35.65 9.74 -28.26
CA SER D 225 35.46 10.79 -29.26
C SER D 225 35.03 10.23 -30.63
N VAL D 226 35.60 9.11 -31.04
CA VAL D 226 35.14 8.41 -32.26
C VAL D 226 33.65 8.03 -32.14
N HIS D 227 33.22 7.62 -30.94
CA HIS D 227 31.82 7.26 -30.73
C HIS D 227 30.92 8.50 -30.88
N SER D 228 31.37 9.64 -30.35
CA SER D 228 30.60 10.88 -30.42
C SER D 228 30.48 11.42 -31.84
N GLU D 229 31.43 11.07 -32.70
CA GLU D 229 31.37 11.42 -34.12
C GLU D 229 30.38 10.51 -34.86
N GLN D 230 30.24 9.27 -34.40
CA GLN D 230 29.26 8.35 -34.98
C GLN D 230 27.83 8.81 -34.64
N VAL D 231 27.60 9.27 -33.41
CA VAL D 231 26.26 9.73 -33.03
C VAL D 231 25.88 11.01 -33.79
N PHE D 232 26.87 11.85 -34.10
CA PHE D 232 26.67 13.02 -34.95
C PHE D 232 26.39 12.66 -36.42
N ALA D 233 26.97 11.56 -36.87
CA ALA D 233 26.74 11.03 -38.22
C ALA D 233 25.33 10.43 -38.38
N LEU D 234 24.74 9.94 -37.29
CA LEU D 234 23.37 9.43 -37.31
C LEU D 234 22.37 10.59 -37.49
N ARG D 235 22.70 11.74 -36.89
CA ARG D 235 21.85 12.94 -36.98
C ARG D 235 21.69 13.42 -38.42
N LEU D 236 22.82 13.76 -39.06
CA LEU D 236 22.82 14.31 -40.41
C LEU D 236 23.75 13.48 -41.30
N LYS D 240 17.96 7.36 -35.68
CA LYS D 240 17.63 7.86 -34.35
C LYS D 240 17.74 6.77 -33.28
N LEU D 241 18.15 7.18 -32.08
CA LEU D 241 18.43 6.27 -30.96
C LEU D 241 17.25 6.15 -29.99
N PRO D 242 17.11 4.97 -29.36
CA PRO D 242 16.06 4.75 -28.36
C PRO D 242 16.37 5.48 -27.05
N PRO D 243 15.38 5.61 -26.14
CA PRO D 243 15.45 6.58 -25.02
C PRO D 243 16.60 6.41 -24.00
N LEU D 244 16.83 5.19 -23.51
CA LEU D 244 17.89 4.95 -22.50
C LEU D 244 19.31 5.28 -23.01
N LEU D 245 19.60 4.98 -24.29
CA LEU D 245 20.90 5.34 -24.89
C LEU D 245 20.94 6.82 -25.21
N SER D 246 19.78 7.38 -25.54
CA SER D 246 19.66 8.76 -26.02
C SER D 246 19.87 9.85 -24.95
N GLU D 247 19.91 9.49 -23.66
CA GLU D 247 20.20 10.48 -22.61
C GLU D 247 21.61 10.31 -22.03
N ILE D 248 22.16 9.11 -22.16
CA ILE D 248 23.51 8.84 -21.72
C ILE D 248 24.51 9.41 -22.73
N TRP D 249 24.13 9.43 -24.01
CA TRP D 249 25.05 9.81 -25.09
C TRP D 249 24.62 11.01 -25.91
N ASP D 250 23.31 11.23 -26.05
CA ASP D 250 22.81 12.40 -26.77
C ASP D 250 22.70 13.60 -25.82
N VAL D 251 23.70 13.76 -24.95
CA VAL D 251 23.86 14.99 -24.18
C VAL D 251 24.07 16.12 -25.20
N HIS D 252 24.90 15.83 -26.20
CA HIS D 252 25.08 16.67 -27.39
C HIS D 252 25.08 18.17 -27.07
#